data_8RDZ
#
_entry.id   8RDZ
#
_cell.length_a   47.710
_cell.length_b   59.200
_cell.length_c   79.431
_cell.angle_alpha   80.652
_cell.angle_beta   82.958
_cell.angle_gamma   77.028
#
_symmetry.space_group_name_H-M   'P 1'
#
loop_
_entity.id
_entity.type
_entity.pdbx_description
1 polymer 'ADP-sugar pyrophosphatase'
2 non-polymer 'MAGNESIUM ION'
3 non-polymer 'Ibrutinib (unbound form)'
4 non-polymer 1,2-ETHANEDIOL
5 water water
#
_entity_poly.entity_id   1
_entity_poly.type   'polypeptide(L)'
_entity_poly.pdbx_seq_one_letter_code
;MESQEPTESSQNGKQYIISEELISEGKWVKLEKTTYMDPTGKTRTWESVKRTTRKEQTADGVAVIPVLQRTLHYECIVLV
KQFRPPMGGYCIEFPAGLIDDGETPEAAALRELEEETGYKGDIAECSPAVCMDPGLSNCTIHIVTVTINGDDAENARPKP
KPGDGEFVEVISLPKNDLLQRLDALVAEEHLTVDARVYSYALALKHANAKPFEVPFLKF
;
_entity_poly.pdbx_strand_id   A,B,C,D
#
loop_
_chem_comp.id
_chem_comp.type
_chem_comp.name
_chem_comp.formula
A1H14 non-polymer 'Ibrutinib (unbound form)' 'C25 H24 N6 O2'
EDO non-polymer 1,2-ETHANEDIOL 'C2 H6 O2'
MG non-polymer 'MAGNESIUM ION' 'Mg 2'
#
# COMPACT_ATOMS: atom_id res chain seq x y z
N LYS A 14 23.00 10.83 -18.62
CA LYS A 14 24.18 10.56 -19.49
C LYS A 14 23.80 10.78 -20.96
N GLN A 15 22.87 9.96 -21.49
CA GLN A 15 22.53 9.98 -22.91
C GLN A 15 21.72 11.23 -23.26
N TYR A 16 21.82 11.65 -24.53
CA TYR A 16 21.19 12.89 -24.98
C TYR A 16 21.10 12.89 -26.51
N ILE A 17 20.18 13.71 -27.02
CA ILE A 17 19.90 13.87 -28.45
C ILE A 17 21.02 14.68 -29.09
N ILE A 18 21.55 14.22 -30.22
CA ILE A 18 22.52 14.99 -30.99
C ILE A 18 21.79 15.82 -32.04
N SER A 19 20.95 15.17 -32.85
CA SER A 19 20.22 15.88 -33.89
C SER A 19 18.93 15.15 -34.26
N GLU A 20 18.03 15.95 -34.85
CA GLU A 20 16.77 15.52 -35.44
C GLU A 20 16.71 16.03 -36.88
N GLU A 21 16.71 15.10 -37.84
CA GLU A 21 16.66 15.46 -39.25
C GLU A 21 15.32 14.98 -39.82
N LEU A 22 14.55 15.88 -40.44
CA LEU A 22 13.26 15.54 -41.01
C LEU A 22 13.44 14.49 -42.10
N ILE A 23 12.64 13.43 -42.07
CA ILE A 23 12.53 12.49 -43.17
C ILE A 23 11.32 12.90 -44.00
N SER A 24 10.12 12.94 -43.42
CA SER A 24 8.93 13.29 -44.18
C SER A 24 7.93 14.07 -43.33
N GLU A 25 7.36 15.13 -43.88
CA GLU A 25 6.39 15.96 -43.18
C GLU A 25 5.02 15.68 -43.82
N GLY A 26 4.09 15.18 -42.98
CA GLY A 26 2.68 15.16 -43.33
C GLY A 26 1.99 16.44 -42.86
N LYS A 27 0.68 16.53 -43.09
CA LYS A 27 -0.11 17.62 -42.56
C LYS A 27 -0.08 17.66 -41.02
N TRP A 28 0.13 16.51 -40.35
CA TRP A 28 -0.18 16.34 -38.93
C TRP A 28 0.98 15.70 -38.16
N VAL A 29 1.59 14.69 -38.79
CA VAL A 29 2.64 13.92 -38.17
C VAL A 29 3.87 13.97 -39.05
N LYS A 30 5.04 13.86 -38.42
CA LYS A 30 6.27 13.84 -39.16
C LYS A 30 7.17 12.73 -38.60
N LEU A 31 7.92 12.18 -39.54
CA LEU A 31 8.94 11.20 -39.30
C LEU A 31 10.29 11.91 -39.41
N GLU A 32 11.08 11.71 -38.37
CA GLU A 32 12.40 12.30 -38.21
C GLU A 32 13.41 11.19 -37.91
N LYS A 33 14.66 11.41 -38.36
CA LYS A 33 15.79 10.57 -38.00
C LYS A 33 16.50 11.28 -36.84
N THR A 34 16.42 10.62 -35.69
CA THR A 34 16.97 11.13 -34.46
C THR A 34 18.35 10.52 -34.32
N THR A 35 19.36 11.38 -34.08
CA THR A 35 20.67 10.90 -33.74
C THR A 35 20.93 11.23 -32.26
N TYR A 36 21.37 10.25 -31.47
CA TYR A 36 21.54 10.39 -30.02
C TYR A 36 22.88 9.80 -29.58
N MET A 37 23.42 10.34 -28.47
CA MET A 37 24.60 9.80 -27.80
C MET A 37 24.19 8.67 -26.85
N ASP A 38 24.77 7.48 -27.10
CA ASP A 38 24.54 6.33 -26.23
C ASP A 38 25.48 6.48 -25.02
N PRO A 39 25.34 5.64 -23.97
CA PRO A 39 26.11 5.83 -22.74
C PRO A 39 27.56 5.34 -22.80
N THR A 40 27.88 4.43 -23.75
CA THR A 40 29.27 4.04 -24.02
C THR A 40 29.98 5.23 -24.63
N GLY A 41 29.19 6.20 -25.12
CA GLY A 41 29.70 7.33 -25.87
C GLY A 41 29.75 7.02 -27.36
N LYS A 42 28.87 6.12 -27.82
CA LYS A 42 28.69 5.87 -29.26
C LYS A 42 27.45 6.61 -29.77
N THR A 43 27.58 7.15 -30.99
CA THR A 43 26.49 7.80 -31.70
C THR A 43 25.58 6.73 -32.29
N ARG A 44 24.25 6.89 -32.10
CA ARG A 44 23.26 5.98 -32.65
C ARG A 44 22.08 6.75 -33.25
N THR A 45 21.24 6.02 -34.01
CA THR A 45 20.08 6.60 -34.68
C THR A 45 18.77 5.90 -34.27
N TRP A 46 17.67 6.60 -34.47
CA TRP A 46 16.35 6.08 -34.17
C TRP A 46 15.36 6.76 -35.09
N GLU A 47 14.28 6.08 -35.46
CA GLU A 47 13.25 6.76 -36.24
C GLU A 47 12.12 7.13 -35.29
N SER A 48 11.74 8.41 -35.31
CA SER A 48 10.90 9.03 -34.32
C SER A 48 9.75 9.73 -35.02
N VAL A 49 8.53 9.65 -34.45
CA VAL A 49 7.39 10.37 -34.96
C VAL A 49 7.12 11.59 -34.08
N LYS A 50 6.59 12.67 -34.69
CA LYS A 50 6.32 13.91 -33.96
C LYS A 50 5.20 14.65 -34.65
N ARG A 51 4.67 15.69 -33.99
CA ARG A 51 3.67 16.57 -34.55
C ARG A 51 4.33 17.66 -35.38
N THR A 52 3.49 18.33 -36.18
CA THR A 52 3.86 19.44 -37.02
C THR A 52 3.34 20.73 -36.38
N THR A 58 4.12 21.34 -23.12
CA THR A 58 2.73 21.39 -22.63
C THR A 58 2.27 19.97 -22.24
N ALA A 59 2.44 19.03 -23.20
CA ALA A 59 1.70 17.79 -23.32
C ALA A 59 0.63 17.98 -24.38
N ASP A 60 0.58 17.00 -25.28
CA ASP A 60 -0.24 16.99 -26.47
C ASP A 60 -1.73 16.84 -26.16
N GLY A 61 -2.06 16.00 -25.17
CA GLY A 61 -3.41 15.50 -25.03
C GLY A 61 -3.75 15.12 -23.59
N VAL A 62 -5.02 14.75 -23.42
CA VAL A 62 -5.53 14.28 -22.15
C VAL A 62 -6.26 12.96 -22.40
N ALA A 63 -6.19 12.05 -21.43
CA ALA A 63 -7.10 10.92 -21.38
C ALA A 63 -7.88 11.06 -20.07
N VAL A 64 -9.19 10.94 -20.15
CA VAL A 64 -10.06 11.09 -19.01
C VAL A 64 -10.35 9.70 -18.42
N ILE A 65 -10.10 9.54 -17.10
CA ILE A 65 -10.66 8.44 -16.35
C ILE A 65 -11.96 8.89 -15.68
N PRO A 66 -13.13 8.58 -16.29
CA PRO A 66 -14.43 9.06 -15.80
C PRO A 66 -15.15 8.01 -14.94
N VAL A 67 -15.17 8.29 -13.64
CA VAL A 67 -15.89 7.50 -12.64
C VAL A 67 -17.30 8.05 -12.42
N LEU A 68 -18.28 7.42 -13.06
CA LEU A 68 -19.67 7.73 -12.86
C LEU A 68 -20.13 7.24 -11.50
N GLN A 69 -20.50 8.19 -10.61
CA GLN A 69 -21.00 7.88 -9.28
C GLN A 69 -22.50 8.16 -9.23
N ARG A 70 -23.26 7.19 -8.70
CA ARG A 70 -24.69 7.31 -8.54
C ARG A 70 -25.08 6.66 -7.25
N THR A 71 -26.08 7.26 -6.59
CA THR A 71 -26.63 6.70 -5.36
C THR A 71 -27.22 5.32 -5.64
N LEU A 72 -26.82 4.35 -4.82
CA LEU A 72 -27.31 2.98 -4.88
C LEU A 72 -26.90 2.28 -6.18
N HIS A 73 -25.80 2.78 -6.80
CA HIS A 73 -25.16 2.10 -7.90
C HIS A 73 -23.69 1.89 -7.58
N TYR A 74 -23.15 0.78 -8.08
CA TYR A 74 -21.71 0.60 -8.14
C TYR A 74 -21.15 1.67 -9.10
N GLU A 75 -19.96 2.19 -8.76
CA GLU A 75 -19.22 3.09 -9.64
C GLU A 75 -19.02 2.49 -11.03
N CYS A 76 -19.12 3.32 -12.06
CA CYS A 76 -18.81 2.87 -13.41
C CYS A 76 -17.65 3.65 -13.99
N ILE A 77 -16.95 3.01 -14.95
CA ILE A 77 -15.92 3.66 -15.71
C ILE A 77 -16.50 3.91 -17.09
N VAL A 78 -16.45 5.17 -17.57
CA VAL A 78 -17.12 5.50 -18.82
C VAL A 78 -16.09 5.43 -19.93
N LEU A 79 -16.33 4.58 -20.92
CA LEU A 79 -15.37 4.41 -22.02
C LEU A 79 -16.06 4.75 -23.34
N VAL A 80 -15.26 5.02 -24.38
CA VAL A 80 -15.80 5.28 -25.71
C VAL A 80 -15.30 4.26 -26.71
N LYS A 81 -16.17 3.97 -27.67
CA LYS A 81 -15.81 3.12 -28.79
C LYS A 81 -15.75 4.03 -30.01
N GLN A 82 -14.64 4.00 -30.72
CA GLN A 82 -14.55 4.71 -31.98
C GLN A 82 -13.69 3.96 -32.99
N PHE A 83 -13.97 4.30 -34.25
CA PHE A 83 -13.19 3.85 -35.39
C PHE A 83 -11.88 4.62 -35.33
N ARG A 84 -10.79 3.88 -35.52
CA ARG A 84 -9.43 4.33 -35.42
C ARG A 84 -8.74 3.95 -36.72
N PRO A 85 -8.68 4.89 -37.70
CA PRO A 85 -8.02 4.65 -38.99
C PRO A 85 -6.70 3.90 -38.90
N PRO A 86 -5.76 4.31 -38.02
CA PRO A 86 -4.48 3.62 -37.94
C PRO A 86 -4.66 2.14 -37.67
N MET A 87 -5.73 1.79 -36.94
CA MET A 87 -5.92 0.42 -36.50
C MET A 87 -6.73 -0.40 -37.51
N GLY A 88 -7.38 0.22 -38.51
CA GLY A 88 -8.33 -0.49 -39.36
C GLY A 88 -9.59 -1.03 -38.65
N GLY A 89 -10.03 -0.41 -37.56
CA GLY A 89 -11.26 -0.86 -36.91
C GLY A 89 -11.48 -0.13 -35.59
N TYR A 90 -12.35 -0.70 -34.77
CA TYR A 90 -12.99 0.01 -33.68
C TYR A 90 -12.28 -0.33 -32.37
N CYS A 91 -11.99 0.72 -31.58
CA CYS A 91 -11.25 0.58 -30.34
C CYS A 91 -12.04 1.13 -29.16
N ILE A 92 -11.87 0.52 -27.98
CA ILE A 92 -12.49 0.93 -26.74
C ILE A 92 -11.44 1.71 -25.95
N GLU A 93 -11.77 2.96 -25.57
CA GLU A 93 -10.81 3.91 -25.02
C GLU A 93 -11.41 4.72 -23.87
N PHE A 94 -10.52 5.20 -22.98
CA PHE A 94 -10.81 6.40 -22.22
C PHE A 94 -11.12 7.57 -23.17
N PRO A 95 -12.18 8.35 -22.92
CA PRO A 95 -12.32 9.65 -23.58
C PRO A 95 -10.96 10.33 -23.59
N ALA A 96 -10.57 10.85 -24.77
CA ALA A 96 -9.25 11.45 -24.96
C ALA A 96 -9.27 12.46 -26.12
N GLY A 97 -8.42 13.49 -26.04
CA GLY A 97 -8.32 14.43 -27.14
C GLY A 97 -7.11 15.34 -26.99
N LEU A 98 -6.85 16.15 -28.04
CA LEU A 98 -5.70 17.02 -27.97
C LEU A 98 -6.06 18.19 -27.08
N ILE A 99 -5.06 18.79 -26.41
CA ILE A 99 -5.25 20.02 -25.66
C ILE A 99 -5.12 21.21 -26.63
N ASP A 100 -6.15 22.09 -26.67
CA ASP A 100 -6.11 23.27 -27.54
C ASP A 100 -5.06 24.24 -26.99
N ASP A 101 -4.62 25.20 -27.83
CA ASP A 101 -3.63 26.18 -27.39
C ASP A 101 -4.20 26.99 -26.23
N GLY A 102 -3.42 27.17 -25.15
CA GLY A 102 -3.82 27.96 -24.00
C GLY A 102 -4.81 27.24 -23.09
N GLU A 103 -5.15 25.99 -23.41
CA GLU A 103 -6.14 25.29 -22.60
C GLU A 103 -5.39 24.58 -21.47
N THR A 104 -6.02 24.49 -20.31
CA THR A 104 -5.46 23.65 -19.26
C THR A 104 -5.76 22.17 -19.59
N PRO A 105 -4.99 21.22 -19.03
CA PRO A 105 -5.36 19.79 -19.11
C PRO A 105 -6.75 19.50 -18.57
N GLU A 106 -7.10 20.08 -17.41
CA GLU A 106 -8.36 19.84 -16.74
C GLU A 106 -9.51 20.39 -17.59
N ALA A 107 -9.33 21.56 -18.22
CA ALA A 107 -10.41 22.10 -19.06
C ALA A 107 -10.59 21.22 -20.27
N ALA A 108 -9.47 20.79 -20.83
CA ALA A 108 -9.54 19.93 -21.99
C ALA A 108 -10.23 18.62 -21.58
N ALA A 109 -9.78 18.03 -20.46
CA ALA A 109 -10.35 16.78 -19.98
C ALA A 109 -11.85 16.88 -19.94
N LEU A 110 -12.35 17.92 -19.25
CA LEU A 110 -13.77 18.03 -19.02
C LEU A 110 -14.47 18.27 -20.35
N ARG A 111 -13.84 19.05 -21.23
CA ARG A 111 -14.46 19.45 -22.50
C ARG A 111 -14.60 18.19 -23.36
N GLU A 112 -13.50 17.43 -23.46
CA GLU A 112 -13.46 16.20 -24.24
C GLU A 112 -14.46 15.18 -23.70
N LEU A 113 -14.59 15.10 -22.38
CA LEU A 113 -15.49 14.11 -21.78
C LEU A 113 -16.90 14.43 -22.21
N GLU A 114 -17.24 15.72 -22.19
CA GLU A 114 -18.60 16.18 -22.46
C GLU A 114 -18.91 16.01 -23.95
N GLU A 115 -17.94 16.40 -24.78
CA GLU A 115 -18.07 16.20 -26.21
C GLU A 115 -18.22 14.72 -26.55
N GLU A 116 -17.40 13.87 -25.94
CA GLU A 116 -17.36 12.46 -26.32
C GLU A 116 -18.50 11.67 -25.70
N THR A 117 -19.01 12.07 -24.51
CA THR A 117 -19.98 11.23 -23.79
C THR A 117 -21.26 11.97 -23.41
N GLY A 118 -21.22 13.31 -23.35
CA GLY A 118 -22.33 14.08 -22.85
C GLY A 118 -22.24 14.34 -21.34
N TYR A 119 -21.40 13.62 -20.57
CA TYR A 119 -21.35 13.87 -19.14
C TYR A 119 -20.54 15.11 -18.80
N LYS A 120 -21.05 15.83 -17.80
CA LYS A 120 -20.30 16.91 -17.19
C LYS A 120 -19.71 16.40 -15.88
N GLY A 121 -18.38 16.37 -15.82
CA GLY A 121 -17.68 15.82 -14.68
C GLY A 121 -17.08 16.91 -13.80
N ASP A 122 -16.45 16.48 -12.71
CA ASP A 122 -15.72 17.33 -11.80
C ASP A 122 -14.34 16.73 -11.66
N ILE A 123 -13.34 17.60 -11.60
CA ILE A 123 -11.95 17.22 -11.50
C ILE A 123 -11.75 16.53 -10.16
N ALA A 124 -10.97 15.42 -10.19
CA ALA A 124 -10.51 14.77 -8.98
C ALA A 124 -9.00 14.89 -8.96
N GLU A 125 -8.32 14.65 -10.09
CA GLU A 125 -6.88 14.66 -10.06
C GLU A 125 -6.35 14.66 -11.49
N CYS A 126 -5.08 15.04 -11.59
CA CYS A 126 -4.42 15.28 -12.88
C CYS A 126 -3.00 14.78 -12.72
N SER A 127 -2.57 13.85 -13.57
CA SER A 127 -1.20 13.33 -13.55
C SER A 127 -0.23 14.37 -14.11
N PRO A 128 1.09 14.19 -13.88
CA PRO A 128 2.07 14.76 -14.81
C PRO A 128 1.95 14.23 -16.23
N ALA A 129 2.64 14.88 -17.15
CA ALA A 129 2.64 14.44 -18.53
C ALA A 129 3.25 13.03 -18.54
N VAL A 130 2.58 12.08 -19.24
CA VAL A 130 3.02 10.69 -19.30
C VAL A 130 3.12 10.33 -20.77
N CYS A 131 4.04 9.41 -21.14
CA CYS A 131 4.28 9.11 -22.56
C CYS A 131 3.38 8.00 -23.07
N MET A 132 2.93 8.19 -24.31
CA MET A 132 1.99 7.27 -24.93
C MET A 132 2.68 6.04 -25.53
N ASP A 133 3.85 6.25 -26.14
CA ASP A 133 4.47 5.24 -27.00
C ASP A 133 5.93 5.65 -27.20
N PRO A 134 6.78 5.55 -26.17
CA PRO A 134 8.06 6.24 -26.18
C PRO A 134 9.12 5.60 -27.08
N GLY A 135 8.91 4.35 -27.49
CA GLY A 135 9.69 3.71 -28.54
C GLY A 135 9.42 4.29 -29.93
N LEU A 136 8.30 5.02 -30.11
CA LEU A 136 7.90 5.54 -31.41
C LEU A 136 7.85 7.07 -31.42
N SER A 137 7.07 7.71 -30.52
CA SER A 137 6.84 9.15 -30.56
C SER A 137 7.24 9.81 -29.24
N ASN A 138 7.18 11.15 -29.26
CA ASN A 138 7.26 11.99 -28.09
C ASN A 138 5.85 12.40 -27.60
N CYS A 139 4.81 11.70 -28.03
CA CYS A 139 3.45 12.01 -27.59
C CYS A 139 3.33 11.87 -26.06
N THR A 140 2.83 12.92 -25.40
CA THR A 140 2.56 12.89 -23.98
C THR A 140 1.12 13.34 -23.75
N ILE A 141 0.56 12.85 -22.63
CA ILE A 141 -0.76 13.24 -22.20
C ILE A 141 -0.71 13.45 -20.71
N HIS A 142 -1.77 14.09 -20.24
CA HIS A 142 -2.14 14.08 -18.83
C HIS A 142 -3.29 13.10 -18.67
N ILE A 143 -3.22 12.29 -17.61
CA ILE A 143 -4.36 11.45 -17.28
C ILE A 143 -5.14 12.12 -16.16
N VAL A 144 -6.39 12.42 -16.46
CA VAL A 144 -7.16 13.29 -15.60
C VAL A 144 -8.32 12.47 -15.10
N THR A 145 -8.34 12.17 -13.79
CA THR A 145 -9.45 11.50 -13.14
C THR A 145 -10.53 12.53 -12.90
N VAL A 146 -11.74 12.19 -13.35
CA VAL A 146 -12.93 12.99 -13.16
C VAL A 146 -14.05 12.13 -12.58
N THR A 147 -14.80 12.67 -11.61
CA THR A 147 -16.01 12.04 -11.12
C THR A 147 -17.22 12.66 -11.84
N ILE A 148 -18.22 11.83 -12.12
CA ILE A 148 -19.45 12.26 -12.74
C ILE A 148 -20.52 12.01 -11.70
N ASN A 149 -21.14 13.10 -11.26
CA ASN A 149 -22.32 13.02 -10.43
C ASN A 149 -23.50 12.62 -11.31
N GLY A 150 -23.77 11.30 -11.35
CA GLY A 150 -24.88 10.78 -12.13
C GLY A 150 -26.23 10.99 -11.42
N ASP A 151 -26.25 11.53 -10.21
CA ASP A 151 -27.51 11.91 -9.58
C ASP A 151 -27.98 13.27 -10.14
N ASP A 152 -27.06 14.05 -10.73
CA ASP A 152 -27.43 15.37 -11.20
C ASP A 152 -28.27 15.23 -12.45
N ALA A 153 -29.27 16.11 -12.59
CA ALA A 153 -30.26 16.00 -13.64
C ALA A 153 -29.60 16.13 -15.01
N GLU A 154 -28.48 16.85 -15.11
CA GLU A 154 -27.77 17.02 -16.39
C GLU A 154 -27.00 15.76 -16.80
N ASN A 155 -26.70 14.85 -15.88
CA ASN A 155 -26.02 13.61 -16.26
C ASN A 155 -27.00 12.45 -16.35
N ALA A 156 -28.31 12.74 -16.39
CA ALA A 156 -29.35 11.72 -16.54
C ALA A 156 -29.41 11.22 -17.97
N ARG A 157 -29.82 12.09 -18.92
CA ARG A 157 -29.81 11.75 -20.34
C ARG A 157 -28.73 12.59 -21.03
N PRO A 158 -27.44 12.20 -20.95
CA PRO A 158 -26.37 12.98 -21.57
C PRO A 158 -26.28 12.81 -23.09
N LYS A 159 -26.15 13.93 -23.82
CA LYS A 159 -26.06 13.91 -25.29
C LYS A 159 -24.61 14.19 -25.71
N PRO A 160 -23.94 13.29 -26.49
CA PRO A 160 -22.65 13.61 -27.10
C PRO A 160 -22.83 14.83 -28.00
N LYS A 161 -21.76 15.63 -28.11
CA LYS A 161 -21.67 16.71 -29.08
C LYS A 161 -20.30 16.60 -29.77
N PRO A 162 -20.08 15.62 -30.68
CA PRO A 162 -18.74 15.32 -31.19
C PRO A 162 -18.12 16.44 -32.05
N GLY A 163 -16.78 16.42 -32.15
CA GLY A 163 -16.01 17.33 -32.98
C GLY A 163 -16.34 17.13 -34.46
N ASP A 164 -15.60 17.85 -35.33
CA ASP A 164 -15.78 17.72 -36.78
C ASP A 164 -15.11 16.44 -37.25
N GLY A 165 -15.93 15.49 -37.71
CA GLY A 165 -15.47 14.17 -38.14
C GLY A 165 -15.15 13.28 -36.95
N GLU A 166 -16.06 13.24 -35.97
CA GLU A 166 -15.87 12.49 -34.74
C GLU A 166 -17.18 11.79 -34.37
N PHE A 167 -17.13 10.45 -34.22
CA PHE A 167 -18.29 9.57 -34.12
C PHE A 167 -18.06 8.52 -33.01
N VAL A 168 -18.82 8.63 -31.90
CA VAL A 168 -18.50 7.95 -30.65
C VAL A 168 -19.74 7.17 -30.13
N GLU A 169 -19.49 5.95 -29.65
CA GLU A 169 -20.43 5.21 -28.80
C GLU A 169 -19.88 5.15 -27.37
N VAL A 170 -20.79 5.23 -26.41
CA VAL A 170 -20.45 5.28 -25.00
C VAL A 170 -20.77 3.92 -24.40
N ILE A 171 -19.80 3.41 -23.62
CA ILE A 171 -19.89 2.13 -22.94
C ILE A 171 -19.48 2.39 -21.50
N SER A 172 -20.40 2.18 -20.56
CA SER A 172 -20.14 2.39 -19.15
C SER A 172 -20.13 1.03 -18.44
N LEU A 173 -19.05 0.71 -17.72
CA LEU A 173 -18.85 -0.59 -17.11
C LEU A 173 -18.52 -0.45 -15.63
N PRO A 174 -18.97 -1.40 -14.78
CA PRO A 174 -18.70 -1.36 -13.35
C PRO A 174 -17.22 -1.50 -13.07
N LYS A 175 -16.72 -0.55 -12.32
CA LYS A 175 -15.33 -0.55 -11.87
C LYS A 175 -14.97 -1.87 -11.17
N ASN A 176 -15.93 -2.41 -10.42
CA ASN A 176 -15.70 -3.61 -9.62
C ASN A 176 -15.68 -4.85 -10.49
N ASP A 177 -15.92 -4.74 -11.80
CA ASP A 177 -15.91 -5.92 -12.67
C ASP A 177 -15.25 -5.61 -14.03
N LEU A 178 -14.37 -4.60 -14.07
CA LEU A 178 -14.01 -4.04 -15.35
C LEU A 178 -13.28 -5.05 -16.24
N LEU A 179 -12.29 -5.74 -15.69
CA LEU A 179 -11.45 -6.60 -16.52
C LEU A 179 -12.32 -7.68 -17.16
N GLN A 180 -13.25 -8.28 -16.40
CA GLN A 180 -14.09 -9.34 -16.93
C GLN A 180 -15.05 -8.80 -18.00
N ARG A 181 -15.61 -7.60 -17.76
CA ARG A 181 -16.56 -7.08 -18.74
C ARG A 181 -15.82 -6.70 -20.03
N LEU A 182 -14.53 -6.34 -19.93
CA LEU A 182 -13.76 -6.00 -21.10
C LEU A 182 -13.48 -7.30 -21.83
N ASP A 183 -13.12 -8.33 -21.08
CA ASP A 183 -12.83 -9.61 -21.71
C ASP A 183 -14.04 -10.10 -22.51
N ALA A 184 -15.24 -9.93 -21.95
CA ALA A 184 -16.48 -10.32 -22.61
C ALA A 184 -16.63 -9.61 -23.95
N LEU A 185 -16.59 -8.26 -23.92
CA LEU A 185 -16.74 -7.41 -25.10
C LEU A 185 -15.79 -7.82 -26.21
N VAL A 186 -14.53 -8.11 -25.86
CA VAL A 186 -13.52 -8.49 -26.83
C VAL A 186 -13.89 -9.85 -27.41
N ALA A 187 -14.57 -10.70 -26.62
CA ALA A 187 -14.90 -12.06 -27.07
C ALA A 187 -16.09 -12.02 -28.02
N GLU A 188 -17.00 -11.05 -27.82
CA GLU A 188 -18.27 -10.97 -28.53
C GLU A 188 -18.24 -10.01 -29.73
N GLU A 189 -17.39 -8.97 -29.71
CA GLU A 189 -17.41 -7.95 -30.75
C GLU A 189 -16.05 -7.98 -31.46
N HIS A 190 -15.94 -7.23 -32.56
CA HIS A 190 -14.70 -7.14 -33.31
C HIS A 190 -14.02 -5.79 -32.98
N LEU A 191 -13.32 -5.73 -31.84
CA LEU A 191 -12.77 -4.46 -31.39
C LEU A 191 -11.64 -4.68 -30.41
N THR A 192 -10.77 -3.66 -30.30
CA THR A 192 -9.57 -3.75 -29.50
C THR A 192 -9.73 -2.85 -28.27
N VAL A 193 -9.23 -3.31 -27.14
CA VAL A 193 -9.18 -2.45 -25.97
C VAL A 193 -7.85 -1.74 -25.97
N ASP A 194 -7.84 -0.49 -25.51
CA ASP A 194 -6.61 0.25 -25.42
C ASP A 194 -5.80 -0.27 -24.25
N ALA A 195 -4.49 -0.13 -24.38
CA ALA A 195 -3.55 -0.66 -23.42
C ALA A 195 -3.66 0.01 -22.06
N ARG A 196 -3.99 1.30 -22.02
CA ARG A 196 -4.13 2.01 -20.76
C ARG A 196 -5.41 1.57 -20.09
N VAL A 197 -6.47 1.41 -20.86
CA VAL A 197 -7.72 0.89 -20.31
C VAL A 197 -7.48 -0.50 -19.71
N TYR A 198 -6.71 -1.33 -20.40
CA TYR A 198 -6.63 -2.70 -20.00
C TYR A 198 -5.72 -2.74 -18.77
N SER A 199 -4.72 -1.83 -18.75
CA SER A 199 -3.79 -1.73 -17.63
C SER A 199 -4.51 -1.31 -16.35
N TYR A 200 -5.45 -0.38 -16.49
CA TYR A 200 -6.25 0.09 -15.36
C TYR A 200 -7.11 -1.06 -14.84
N ALA A 201 -7.85 -1.76 -15.72
CA ALA A 201 -8.70 -2.89 -15.33
C ALA A 201 -7.93 -3.99 -14.61
N LEU A 202 -6.70 -4.23 -15.01
CA LEU A 202 -5.84 -5.21 -14.36
C LEU A 202 -5.50 -4.82 -12.93
N ALA A 203 -5.06 -3.55 -12.71
CA ALA A 203 -4.71 -3.10 -11.36
C ALA A 203 -5.93 -3.13 -10.45
N LEU A 204 -7.09 -2.74 -10.96
CA LEU A 204 -8.31 -2.89 -10.20
C LEU A 204 -8.41 -4.32 -9.66
N LYS A 205 -8.19 -5.31 -10.52
CA LYS A 205 -8.30 -6.69 -10.10
C LYS A 205 -7.15 -7.06 -9.19
N HIS A 206 -5.96 -6.50 -9.42
CA HIS A 206 -4.85 -6.86 -8.56
C HIS A 206 -4.88 -6.23 -7.18
N ALA A 207 -5.64 -5.15 -6.98
CA ALA A 207 -5.67 -4.44 -5.70
C ALA A 207 -6.47 -5.25 -4.66
N LYS B 14 -2.32 -25.83 36.10
CA LYS B 14 -1.11 -26.06 36.92
C LYS B 14 -0.95 -24.98 37.99
N GLN B 15 -1.04 -23.69 37.58
CA GLN B 15 -0.64 -22.53 38.38
C GLN B 15 -1.85 -21.67 38.77
N TYR B 16 -1.72 -20.97 39.89
CA TYR B 16 -2.83 -20.30 40.57
C TYR B 16 -2.26 -19.16 41.39
N ILE B 17 -3.11 -18.17 41.76
CA ILE B 17 -2.85 -17.05 42.66
C ILE B 17 -3.05 -17.54 44.11
N ILE B 18 -2.17 -17.11 45.03
CA ILE B 18 -2.30 -17.54 46.43
C ILE B 18 -2.95 -16.41 47.24
N SER B 19 -2.42 -15.19 47.05
CA SER B 19 -2.91 -14.03 47.78
C SER B 19 -2.32 -12.78 47.16
N GLU B 20 -3.01 -11.65 47.39
CA GLU B 20 -2.63 -10.36 46.88
C GLU B 20 -2.59 -9.37 48.06
N GLU B 21 -1.38 -8.94 48.44
CA GLU B 21 -1.25 -7.96 49.51
C GLU B 21 -1.08 -6.57 48.92
N LEU B 22 -1.81 -5.59 49.46
CA LEU B 22 -1.67 -4.22 49.04
C LEU B 22 -0.25 -3.79 49.37
N ILE B 23 0.32 -2.83 48.64
CA ILE B 23 1.67 -2.34 48.92
C ILE B 23 1.71 -0.81 48.99
N SER B 24 0.78 -0.08 48.38
CA SER B 24 0.82 1.37 48.52
C SER B 24 -0.55 2.02 48.27
N GLU B 25 -1.07 1.90 47.05
CA GLU B 25 -2.38 2.44 46.67
C GLU B 25 -2.35 3.96 46.58
N GLY B 26 -2.42 4.48 45.35
CA GLY B 26 -2.60 5.90 45.07
C GLY B 26 -4.05 6.19 44.68
N LYS B 27 -4.30 7.38 44.12
CA LYS B 27 -5.63 7.77 43.74
C LYS B 27 -6.18 6.86 42.62
N TRP B 28 -5.38 6.70 41.56
CA TRP B 28 -5.83 6.06 40.32
C TRP B 28 -5.31 4.62 40.23
N VAL B 29 -4.11 4.40 40.79
CA VAL B 29 -3.41 3.14 40.62
C VAL B 29 -2.85 2.70 41.97
N LYS B 30 -2.40 1.44 42.04
CA LYS B 30 -1.92 0.82 43.27
C LYS B 30 -0.95 -0.31 42.94
N LEU B 31 -0.19 -0.72 43.96
CA LEU B 31 0.86 -1.70 43.78
C LEU B 31 0.67 -2.81 44.82
N GLU B 32 0.75 -4.07 44.37
CA GLU B 32 0.44 -5.23 45.19
C GLU B 32 1.64 -6.16 45.18
N LYS B 33 1.71 -7.05 46.16
CA LYS B 33 2.56 -8.22 46.07
C LYS B 33 1.65 -9.40 45.76
N THR B 34 2.08 -10.30 44.87
CA THR B 34 1.21 -11.39 44.44
C THR B 34 2.00 -12.68 44.65
N THR B 35 1.47 -13.63 45.45
CA THR B 35 2.11 -14.91 45.66
C THR B 35 1.41 -15.93 44.78
N TYR B 36 2.13 -16.92 44.26
CA TYR B 36 1.52 -17.76 43.25
C TYR B 36 2.23 -19.11 43.16
N MET B 37 1.45 -20.16 43.00
CA MET B 37 2.00 -21.49 42.94
C MET B 37 2.52 -21.69 41.51
N ASP B 38 3.82 -22.01 41.39
CA ASP B 38 4.39 -22.41 40.12
C ASP B 38 3.98 -23.85 39.82
N PRO B 39 4.25 -24.39 38.60
CA PRO B 39 3.79 -25.73 38.23
C PRO B 39 4.48 -26.86 38.98
N THR B 40 5.66 -26.57 39.54
CA THR B 40 6.36 -27.50 40.41
C THR B 40 6.18 -27.06 41.87
N GLY B 41 4.90 -26.84 42.26
CA GLY B 41 4.51 -26.54 43.63
C GLY B 41 5.10 -25.22 44.14
N LYS B 42 6.44 -25.18 44.17
CA LYS B 42 7.23 -24.03 44.58
C LYS B 42 6.38 -22.76 44.57
N THR B 43 6.23 -22.13 45.74
CA THR B 43 5.61 -20.82 45.80
C THR B 43 6.57 -19.85 45.10
N ARG B 44 6.03 -18.74 44.58
CA ARG B 44 6.81 -17.62 44.03
C ARG B 44 6.04 -16.32 44.18
N THR B 45 6.72 -15.21 43.87
CA THR B 45 6.22 -13.87 44.19
C THR B 45 6.46 -12.92 43.01
N TRP B 46 5.65 -11.86 42.96
CA TRP B 46 5.59 -10.94 41.83
C TRP B 46 4.95 -9.62 42.26
N GLU B 47 5.43 -8.51 41.69
CA GLU B 47 4.87 -7.20 41.98
C GLU B 47 3.94 -6.82 40.83
N SER B 48 2.81 -6.17 41.16
CA SER B 48 1.69 -6.03 40.24
C SER B 48 1.02 -4.66 40.42
N VAL B 49 0.62 -4.05 39.30
CA VAL B 49 -0.09 -2.78 39.35
C VAL B 49 -1.56 -3.02 38.98
N LYS B 50 -2.48 -2.31 39.66
CA LYS B 50 -3.92 -2.44 39.42
C LYS B 50 -4.59 -1.08 39.61
N ARG B 51 -5.87 -0.99 39.19
CA ARG B 51 -6.62 0.26 39.25
C ARG B 51 -7.19 0.46 40.66
N THR B 52 -8.41 1.01 40.77
CA THR B 52 -9.08 1.10 42.07
C THR B 52 -10.53 0.69 41.95
N THR B 58 -15.25 -5.71 33.03
CA THR B 58 -15.88 -5.48 31.70
C THR B 58 -14.82 -5.29 30.60
N ALA B 59 -13.52 -5.27 30.98
CA ALA B 59 -12.45 -4.57 30.30
C ALA B 59 -12.39 -3.11 30.77
N ASP B 60 -11.19 -2.60 31.05
CA ASP B 60 -10.96 -1.28 31.63
C ASP B 60 -11.07 -0.14 30.62
N GLY B 61 -10.73 -0.43 29.35
CA GLY B 61 -10.57 0.62 28.35
C GLY B 61 -10.92 0.12 26.96
N VAL B 62 -10.86 1.04 25.98
CA VAL B 62 -10.87 0.71 24.57
C VAL B 62 -9.72 1.46 23.90
N ALA B 63 -9.20 0.86 22.82
CA ALA B 63 -8.34 1.53 21.87
C ALA B 63 -8.98 1.33 20.51
N VAL B 64 -8.98 2.38 19.69
CA VAL B 64 -9.75 2.38 18.46
C VAL B 64 -8.80 2.30 17.27
N ILE B 65 -9.11 1.43 16.31
CA ILE B 65 -8.41 1.40 15.06
C ILE B 65 -9.28 2.09 14.01
N PRO B 66 -9.05 3.40 13.75
CA PRO B 66 -9.93 4.20 12.88
C PRO B 66 -9.40 4.19 11.45
N VAL B 67 -10.11 3.52 10.54
CA VAL B 67 -9.77 3.50 9.13
C VAL B 67 -10.63 4.56 8.44
N LEU B 68 -10.03 5.69 8.05
CA LEU B 68 -10.71 6.69 7.22
C LEU B 68 -10.78 6.24 5.76
N GLN B 69 -12.03 6.05 5.27
CA GLN B 69 -12.27 5.52 3.95
C GLN B 69 -12.96 6.54 3.06
N ARG B 70 -12.44 6.67 1.84
CA ARG B 70 -12.91 7.61 0.84
C ARG B 70 -12.84 6.95 -0.52
N THR B 71 -13.93 7.00 -1.30
CA THR B 71 -13.86 6.40 -2.63
C THR B 71 -12.73 7.07 -3.43
N LEU B 72 -12.00 6.28 -4.24
CA LEU B 72 -10.89 6.72 -5.06
C LEU B 72 -9.70 7.26 -4.26
N HIS B 73 -9.56 6.88 -2.98
CA HIS B 73 -8.45 7.35 -2.17
C HIS B 73 -7.90 6.13 -1.41
N TYR B 74 -6.63 6.14 -1.03
CA TYR B 74 -6.12 5.20 -0.06
C TYR B 74 -6.77 5.43 1.30
N GLU B 75 -6.95 4.35 2.05
CA GLU B 75 -7.45 4.42 3.43
C GLU B 75 -6.36 5.04 4.31
N CYS B 76 -6.77 5.86 5.27
CA CYS B 76 -5.84 6.39 6.27
C CYS B 76 -6.17 5.82 7.63
N ILE B 77 -5.16 5.79 8.52
CA ILE B 77 -5.34 5.32 9.87
C ILE B 77 -5.21 6.54 10.76
N VAL B 78 -6.18 6.75 11.64
CA VAL B 78 -6.25 8.04 12.31
C VAL B 78 -5.65 7.84 13.70
N LEU B 79 -4.56 8.54 13.99
CA LEU B 79 -3.86 8.35 15.26
C LEU B 79 -3.91 9.65 16.04
N VAL B 80 -3.42 9.60 17.28
CA VAL B 80 -3.40 10.79 18.10
C VAL B 80 -2.02 10.89 18.72
N LYS B 81 -1.53 12.12 18.86
CA LYS B 81 -0.28 12.37 19.55
C LYS B 81 -0.65 13.12 20.80
N GLN B 82 -0.03 12.80 21.93
CA GLN B 82 -0.31 13.52 23.15
C GLN B 82 0.85 13.30 24.12
N PHE B 83 1.01 14.25 25.05
CA PHE B 83 1.98 14.13 26.13
C PHE B 83 1.50 13.09 27.11
N ARG B 84 2.43 12.21 27.49
CA ARG B 84 2.16 11.13 28.43
C ARG B 84 3.10 11.27 29.62
N PRO B 85 2.60 11.77 30.77
CA PRO B 85 3.47 12.05 31.90
C PRO B 85 4.46 10.93 32.17
N PRO B 86 4.08 9.63 32.21
CA PRO B 86 5.03 8.60 32.61
C PRO B 86 6.17 8.42 31.62
N MET B 87 5.93 8.67 30.31
CA MET B 87 6.96 8.58 29.29
C MET B 87 7.77 9.86 29.26
N GLY B 88 7.27 10.88 29.96
CA GLY B 88 7.83 12.22 29.88
C GLY B 88 7.99 12.69 28.43
N GLY B 89 7.05 12.32 27.54
CA GLY B 89 7.23 12.65 26.13
C GLY B 89 5.93 12.54 25.35
N TYR B 90 5.94 13.03 24.11
CA TYR B 90 4.81 12.78 23.24
C TYR B 90 4.86 11.33 22.75
N CYS B 91 3.67 10.71 22.61
CA CYS B 91 3.53 9.38 22.03
C CYS B 91 2.49 9.43 20.94
N ILE B 92 2.63 8.53 19.96
CA ILE B 92 1.65 8.36 18.89
C ILE B 92 0.92 7.05 19.15
N GLU B 93 -0.41 7.11 19.24
CA GLU B 93 -1.26 6.05 19.76
C GLU B 93 -2.56 5.98 18.95
N PHE B 94 -3.22 4.82 19.00
CA PHE B 94 -4.59 4.72 18.63
C PHE B 94 -5.40 5.57 19.60
N PRO B 95 -6.48 6.20 19.12
CA PRO B 95 -7.44 6.88 20.01
C PRO B 95 -7.91 5.82 21.00
N ALA B 96 -7.87 6.18 22.29
CA ALA B 96 -8.06 5.25 23.38
C ALA B 96 -8.63 6.02 24.57
N GLY B 97 -9.42 5.31 25.39
CA GLY B 97 -9.88 5.85 26.67
C GLY B 97 -10.70 4.87 27.51
N LEU B 98 -10.97 5.27 28.76
CA LEU B 98 -11.75 4.44 29.66
C LEU B 98 -13.20 4.35 29.16
N ILE B 99 -13.82 3.20 29.45
CA ILE B 99 -15.24 2.94 29.29
C ILE B 99 -15.98 3.56 30.47
N ASP B 100 -17.04 4.32 30.21
CA ASP B 100 -17.86 4.91 31.26
C ASP B 100 -18.78 3.84 31.85
N ASP B 101 -19.18 4.03 33.11
CA ASP B 101 -20.17 3.19 33.77
C ASP B 101 -21.43 3.09 32.92
N GLY B 102 -21.81 1.86 32.55
CA GLY B 102 -23.05 1.60 31.82
C GLY B 102 -22.86 1.48 30.31
N GLU B 103 -21.71 1.93 29.78
CA GLU B 103 -21.46 2.03 28.35
C GLU B 103 -20.83 0.73 27.87
N THR B 104 -21.17 0.27 26.66
CA THR B 104 -20.52 -0.89 26.04
C THR B 104 -19.12 -0.48 25.53
N PRO B 105 -18.26 -1.47 25.16
CA PRO B 105 -17.01 -1.14 24.45
C PRO B 105 -17.27 -0.36 23.15
N GLU B 106 -18.23 -0.86 22.35
CA GLU B 106 -18.52 -0.30 21.04
C GLU B 106 -18.80 1.19 21.18
N ALA B 107 -19.70 1.54 22.13
CA ALA B 107 -20.17 2.89 22.32
C ALA B 107 -19.02 3.79 22.80
N ALA B 108 -18.25 3.27 23.75
CA ALA B 108 -17.10 3.97 24.28
C ALA B 108 -16.07 4.20 23.16
N ALA B 109 -15.98 3.22 22.26
CA ALA B 109 -15.10 3.38 21.10
C ALA B 109 -15.53 4.60 20.27
N LEU B 110 -16.82 4.61 19.87
CA LEU B 110 -17.31 5.69 19.01
C LEU B 110 -17.22 7.02 19.75
N ARG B 111 -17.40 7.00 21.08
CA ARG B 111 -17.36 8.24 21.84
C ARG B 111 -15.93 8.76 21.93
N GLU B 112 -14.99 7.86 22.23
CA GLU B 112 -13.60 8.27 22.37
C GLU B 112 -13.08 8.75 21.02
N LEU B 113 -13.39 8.01 19.94
CA LEU B 113 -12.99 8.44 18.60
C LEU B 113 -13.43 9.89 18.35
N GLU B 114 -14.73 10.15 18.61
CA GLU B 114 -15.32 11.44 18.30
C GLU B 114 -14.74 12.49 19.25
N GLU B 115 -14.53 12.14 20.51
CA GLU B 115 -13.98 13.12 21.43
C GLU B 115 -12.58 13.54 20.99
N GLU B 116 -11.75 12.57 20.60
CA GLU B 116 -10.34 12.83 20.37
C GLU B 116 -10.08 13.26 18.90
N THR B 117 -11.02 13.03 17.97
CA THR B 117 -10.71 13.23 16.56
C THR B 117 -11.77 14.04 15.83
N GLY B 118 -13.02 13.95 16.29
CA GLY B 118 -14.13 14.62 15.67
C GLY B 118 -14.85 13.67 14.73
N TYR B 119 -14.25 12.52 14.42
CA TYR B 119 -14.81 11.68 13.39
C TYR B 119 -15.90 10.82 14.01
N LYS B 120 -16.85 10.44 13.13
CA LYS B 120 -18.03 9.70 13.52
C LYS B 120 -18.02 8.37 12.79
N GLY B 121 -17.91 7.28 13.56
CA GLY B 121 -17.56 6.01 12.96
C GLY B 121 -18.71 5.04 12.98
N ASP B 122 -18.45 3.91 12.32
CA ASP B 122 -19.23 2.70 12.40
C ASP B 122 -18.32 1.61 12.96
N ILE B 123 -18.85 0.79 13.85
CA ILE B 123 -18.19 -0.43 14.30
C ILE B 123 -18.03 -1.41 13.13
N ALA B 124 -16.79 -1.87 12.90
CA ALA B 124 -16.53 -3.02 12.07
C ALA B 124 -16.39 -4.26 12.94
N GLU B 125 -15.74 -4.13 14.10
CA GLU B 125 -15.53 -5.29 14.95
C GLU B 125 -14.91 -4.83 16.25
N CYS B 126 -14.92 -5.74 17.23
CA CYS B 126 -14.54 -5.49 18.61
C CYS B 126 -13.80 -6.72 19.08
N SER B 127 -12.59 -6.57 19.64
CA SER B 127 -11.83 -7.69 20.18
C SER B 127 -12.50 -8.19 21.46
N PRO B 128 -12.13 -9.39 21.96
CA PRO B 128 -12.25 -9.67 23.39
C PRO B 128 -11.26 -8.84 24.18
N ALA B 129 -11.40 -8.85 25.50
CA ALA B 129 -10.51 -8.13 26.41
C ALA B 129 -9.11 -8.71 26.26
N VAL B 130 -8.16 -7.83 25.92
CA VAL B 130 -6.76 -8.19 25.69
C VAL B 130 -5.94 -7.40 26.70
N CYS B 131 -4.78 -7.93 27.10
CA CYS B 131 -3.99 -7.31 28.15
C CYS B 131 -2.95 -6.34 27.58
N MET B 132 -2.73 -5.26 28.34
CA MET B 132 -1.94 -4.13 27.89
C MET B 132 -0.47 -4.38 28.18
N ASP B 133 -0.18 -5.00 29.33
CA ASP B 133 1.18 -5.31 29.73
C ASP B 133 1.14 -6.38 30.81
N PRO B 134 0.96 -7.66 30.48
CA PRO B 134 0.63 -8.67 31.50
C PRO B 134 1.74 -9.03 32.47
N GLY B 135 2.97 -8.60 32.16
CA GLY B 135 4.10 -8.81 33.05
C GLY B 135 4.11 -7.82 34.21
N LEU B 136 3.15 -6.87 34.23
CA LEU B 136 3.15 -5.73 35.13
C LEU B 136 1.75 -5.49 35.71
N SER B 137 0.74 -5.29 34.86
CA SER B 137 -0.57 -4.86 35.31
C SER B 137 -1.66 -5.84 34.88
N ASN B 138 -2.90 -5.58 35.32
CA ASN B 138 -4.04 -6.40 34.98
C ASN B 138 -4.89 -5.65 33.96
N CYS B 139 -4.35 -4.53 33.45
CA CYS B 139 -5.10 -3.64 32.57
C CYS B 139 -5.53 -4.41 31.32
N THR B 140 -6.82 -4.34 30.99
CA THR B 140 -7.32 -4.94 29.75
C THR B 140 -8.08 -3.88 28.96
N ILE B 141 -8.17 -4.11 27.63
CA ILE B 141 -8.88 -3.21 26.71
C ILE B 141 -9.59 -4.03 25.64
N HIS B 142 -10.59 -3.41 25.01
CA HIS B 142 -11.13 -3.93 23.78
C HIS B 142 -10.46 -3.10 22.68
N ILE B 143 -9.98 -3.78 21.64
CA ILE B 143 -9.52 -3.03 20.48
C ILE B 143 -10.64 -3.05 19.46
N VAL B 144 -11.12 -1.87 19.07
CA VAL B 144 -12.34 -1.76 18.28
C VAL B 144 -11.99 -1.14 16.94
N THR B 145 -12.16 -1.91 15.86
CA THR B 145 -11.97 -1.41 14.51
C THR B 145 -13.23 -0.64 14.13
N VAL B 146 -13.05 0.66 13.86
CA VAL B 146 -14.07 1.55 13.35
C VAL B 146 -13.69 2.06 11.96
N THR B 147 -14.64 1.94 10.98
CA THR B 147 -14.58 2.55 9.66
C THR B 147 -15.19 3.94 9.72
N ILE B 148 -14.51 4.94 9.15
CA ILE B 148 -15.01 6.29 9.05
C ILE B 148 -15.38 6.57 7.59
N ASN B 149 -16.67 6.84 7.33
CA ASN B 149 -17.12 7.23 5.98
C ASN B 149 -16.74 8.67 5.72
N GLY B 150 -15.56 8.85 5.14
CA GLY B 150 -15.01 10.15 4.82
C GLY B 150 -15.73 10.83 3.65
N ASP B 151 -16.63 10.14 2.92
CA ASP B 151 -17.39 10.83 1.87
C ASP B 151 -18.73 11.35 2.41
N ASP B 152 -18.87 11.43 3.73
CA ASP B 152 -20.05 12.03 4.35
C ASP B 152 -19.68 13.43 4.82
N ALA B 153 -20.70 14.30 4.78
CA ALA B 153 -20.59 15.67 5.26
C ALA B 153 -20.08 15.72 6.71
N GLU B 154 -20.59 14.84 7.62
CA GLU B 154 -20.23 14.92 9.04
C GLU B 154 -18.73 14.63 9.25
N ASN B 155 -18.13 13.89 8.31
CA ASN B 155 -16.73 13.52 8.39
C ASN B 155 -15.85 14.42 7.54
N ALA B 156 -16.45 15.33 6.76
CA ALA B 156 -15.66 16.28 5.99
C ALA B 156 -14.84 17.18 6.91
N ARG B 157 -15.52 17.76 7.90
CA ARG B 157 -14.96 18.86 8.67
C ARG B 157 -15.12 18.51 10.14
N PRO B 158 -14.27 17.62 10.70
CA PRO B 158 -14.54 17.02 12.00
C PRO B 158 -13.97 17.86 13.14
N LYS B 159 -14.72 17.92 14.26
CA LYS B 159 -14.39 18.76 15.42
C LYS B 159 -14.00 17.92 16.63
N PRO B 160 -12.72 17.92 17.09
CA PRO B 160 -12.34 17.20 18.30
C PRO B 160 -12.88 17.93 19.52
N LYS B 161 -13.75 17.27 20.29
CA LYS B 161 -14.29 17.82 21.52
C LYS B 161 -13.63 17.15 22.73
N PRO B 162 -12.36 17.46 23.09
CA PRO B 162 -11.71 16.72 24.16
C PRO B 162 -12.35 16.91 25.54
N GLY B 163 -11.89 16.14 26.52
CA GLY B 163 -12.18 16.40 27.91
C GLY B 163 -11.28 17.52 28.43
N ASP B 164 -11.39 17.78 29.74
CA ASP B 164 -10.56 18.75 30.45
C ASP B 164 -9.18 18.14 30.66
N GLY B 165 -8.13 18.87 30.28
CA GLY B 165 -6.77 18.39 30.42
C GLY B 165 -6.40 17.32 29.39
N GLU B 166 -7.24 17.15 28.35
CA GLU B 166 -7.02 16.17 27.28
C GLU B 166 -6.57 16.93 26.02
N PHE B 167 -5.25 16.96 25.75
CA PHE B 167 -4.68 17.75 24.65
C PHE B 167 -4.17 16.82 23.56
N VAL B 168 -4.93 16.71 22.47
CA VAL B 168 -4.73 15.67 21.48
C VAL B 168 -4.52 16.30 20.11
N GLU B 169 -3.57 15.78 19.33
CA GLU B 169 -3.39 16.17 17.93
C GLU B 169 -3.75 15.00 17.03
N VAL B 170 -4.57 15.25 16.00
CA VAL B 170 -4.93 14.20 15.06
C VAL B 170 -3.78 14.06 14.05
N ILE B 171 -3.38 12.80 13.76
CA ILE B 171 -2.37 12.50 12.78
C ILE B 171 -2.91 11.33 11.99
N SER B 172 -3.41 11.65 10.80
CA SER B 172 -3.94 10.67 9.88
C SER B 172 -2.84 10.28 8.89
N LEU B 173 -2.54 8.98 8.81
CA LEU B 173 -1.39 8.47 8.06
C LEU B 173 -1.92 7.44 7.08
N PRO B 174 -1.43 7.42 5.82
CA PRO B 174 -1.83 6.39 4.84
C PRO B 174 -1.56 4.97 5.33
N LYS B 175 -2.61 4.15 5.34
CA LYS B 175 -2.53 2.78 5.77
C LYS B 175 -1.49 2.03 4.93
N ASN B 176 -1.49 2.34 3.61
CA ASN B 176 -0.68 1.70 2.60
C ASN B 176 0.82 1.89 2.81
N ASP B 177 1.25 2.79 3.70
CA ASP B 177 2.67 3.03 3.92
C ASP B 177 2.91 3.39 5.39
N LEU B 178 2.18 2.76 6.32
CA LEU B 178 2.08 3.25 7.68
C LEU B 178 3.43 3.09 8.38
N LEU B 179 3.95 1.89 8.28
CA LEU B 179 5.25 1.57 8.86
C LEU B 179 6.29 2.63 8.53
N GLN B 180 6.49 2.98 7.26
CA GLN B 180 7.54 3.92 6.86
C GLN B 180 7.23 5.33 7.39
N ARG B 181 5.96 5.70 7.42
CA ARG B 181 5.58 7.03 7.86
C ARG B 181 5.89 7.12 9.34
N LEU B 182 5.65 6.03 10.06
CA LEU B 182 5.97 5.92 11.49
C LEU B 182 7.48 6.01 11.71
N ASP B 183 8.25 5.26 10.92
CA ASP B 183 9.71 5.31 11.07
C ASP B 183 10.23 6.74 10.88
N ALA B 184 9.72 7.41 9.85
CA ALA B 184 10.11 8.77 9.47
C ALA B 184 9.77 9.78 10.57
N LEU B 185 8.55 9.69 11.16
CA LEU B 185 8.21 10.52 12.30
C LEU B 185 9.23 10.34 13.42
N VAL B 186 9.57 9.10 13.75
CA VAL B 186 10.50 8.81 14.84
C VAL B 186 11.91 9.33 14.53
N ALA B 187 12.29 9.28 13.24
CA ALA B 187 13.65 9.67 12.88
C ALA B 187 13.79 11.19 12.99
N GLU B 188 12.68 11.93 12.95
CA GLU B 188 12.74 13.37 12.84
C GLU B 188 12.29 14.07 14.12
N GLU B 189 11.24 13.53 14.75
CA GLU B 189 10.54 14.24 15.80
C GLU B 189 10.63 13.52 17.14
N HIS B 190 10.60 14.30 18.23
CA HIS B 190 10.75 13.79 19.58
C HIS B 190 9.44 13.14 20.00
N LEU B 191 9.23 11.90 19.58
CA LEU B 191 8.05 11.20 20.02
C LEU B 191 8.32 9.69 20.01
N THR B 192 7.48 8.94 20.72
CA THR B 192 7.57 7.50 20.69
C THR B 192 6.28 6.97 20.08
N VAL B 193 6.41 5.89 19.30
CA VAL B 193 5.26 5.23 18.71
C VAL B 193 4.82 4.18 19.73
N ASP B 194 3.51 4.01 19.91
CA ASP B 194 2.96 2.96 20.75
C ASP B 194 3.22 1.59 20.13
N ALA B 195 3.53 0.60 20.97
CA ALA B 195 3.78 -0.76 20.51
C ALA B 195 2.61 -1.42 19.77
N ARG B 196 1.36 -1.19 20.14
CA ARG B 196 0.23 -1.72 19.36
C ARG B 196 0.13 -1.05 17.97
N VAL B 197 0.48 0.25 17.88
CA VAL B 197 0.49 0.94 16.59
C VAL B 197 1.56 0.33 15.68
N TYR B 198 2.77 0.10 16.23
CA TYR B 198 3.88 -0.45 15.47
C TYR B 198 3.59 -1.89 15.04
N SER B 199 3.01 -2.72 15.93
CA SER B 199 2.68 -4.09 15.60
C SER B 199 1.64 -4.09 14.49
N TYR B 200 0.62 -3.21 14.59
CA TYR B 200 -0.35 -3.03 13.51
C TYR B 200 0.41 -2.73 12.20
N ALA B 201 1.29 -1.70 12.22
CA ALA B 201 2.03 -1.29 11.02
C ALA B 201 2.91 -2.40 10.42
N LEU B 202 3.60 -3.17 11.27
CA LEU B 202 4.42 -4.28 10.85
C LEU B 202 3.57 -5.31 10.11
N ALA B 203 2.42 -5.65 10.70
CA ALA B 203 1.60 -6.70 10.12
C ALA B 203 1.05 -6.31 8.75
N LEU B 204 0.85 -5.01 8.49
CA LEU B 204 0.37 -4.59 7.17
C LEU B 204 1.40 -4.95 6.11
N LYS B 205 2.69 -4.88 6.48
CA LYS B 205 3.79 -5.25 5.59
C LYS B 205 3.93 -6.78 5.52
N HIS B 206 3.86 -7.45 6.68
CA HIS B 206 4.07 -8.88 6.74
C HIS B 206 2.98 -9.72 6.13
N ALA B 207 1.75 -9.21 6.08
CA ALA B 207 0.64 -9.87 5.40
C ALA B 207 1.01 -10.35 3.99
N ASN B 208 1.84 -9.57 3.30
CA ASN B 208 2.59 -10.00 2.13
C ASN B 208 4.06 -10.25 2.56
N LYS C 14 -19.90 0.31 -40.33
CA LYS C 14 -20.12 1.29 -41.43
C LYS C 14 -18.93 2.26 -41.62
N GLN C 15 -17.85 2.17 -40.81
CA GLN C 15 -16.58 2.75 -41.17
C GLN C 15 -15.59 1.64 -41.51
N TYR C 16 -14.76 1.87 -42.54
CA TYR C 16 -13.80 0.91 -43.04
C TYR C 16 -12.71 1.68 -43.78
N ILE C 17 -11.55 1.04 -43.95
CA ILE C 17 -10.43 1.56 -44.74
C ILE C 17 -10.73 1.37 -46.22
N ILE C 18 -10.49 2.39 -47.04
CA ILE C 18 -10.72 2.29 -48.46
C ILE C 18 -9.39 1.99 -49.12
N SER C 19 -8.37 2.78 -48.76
CA SER C 19 -7.05 2.60 -49.32
C SER C 19 -5.98 3.13 -48.37
N GLU C 20 -4.77 2.58 -48.54
CA GLU C 20 -3.56 3.09 -47.93
C GLU C 20 -2.57 3.50 -49.04
N GLU C 21 -2.05 4.73 -48.92
CA GLU C 21 -0.99 5.26 -49.77
C GLU C 21 0.26 5.52 -48.91
N LEU C 22 1.38 4.87 -49.24
CA LEU C 22 2.68 5.15 -48.64
C LEU C 22 3.11 6.60 -48.84
N ILE C 23 3.50 7.28 -47.74
CA ILE C 23 4.08 8.61 -47.84
C ILE C 23 5.61 8.50 -47.74
N SER C 24 6.11 7.67 -46.82
CA SER C 24 7.54 7.64 -46.51
C SER C 24 7.86 6.39 -45.70
N GLU C 25 8.81 5.56 -46.17
CA GLU C 25 9.20 4.35 -45.47
C GLU C 25 10.65 4.44 -44.98
N GLY C 26 10.81 4.30 -43.66
CA GLY C 26 12.11 4.20 -43.02
C GLY C 26 12.50 2.73 -42.83
N LYS C 27 13.58 2.52 -42.10
CA LYS C 27 14.08 1.18 -41.86
C LYS C 27 13.08 0.43 -40.99
N TRP C 28 12.43 1.14 -40.04
CA TRP C 28 11.62 0.46 -39.05
C TRP C 28 10.14 0.90 -39.07
N VAL C 29 9.84 2.02 -39.70
CA VAL C 29 8.58 2.73 -39.46
C VAL C 29 8.23 3.47 -40.73
N LYS C 30 6.94 3.43 -41.11
CA LYS C 30 6.45 4.10 -42.30
C LYS C 30 5.18 4.90 -41.97
N LEU C 31 5.05 6.02 -42.70
CA LEU C 31 3.93 6.94 -42.60
C LEU C 31 3.06 6.79 -43.84
N GLU C 32 1.73 6.65 -43.61
CA GLU C 32 0.75 6.34 -44.65
C GLU C 32 -0.39 7.33 -44.53
N LYS C 33 -0.90 7.75 -45.69
CA LYS C 33 -2.20 8.40 -45.79
C LYS C 33 -3.25 7.29 -45.88
N THR C 34 -4.09 7.21 -44.86
CA THR C 34 -5.12 6.19 -44.76
C THR C 34 -6.39 6.89 -45.23
N THR C 35 -7.09 6.31 -46.25
CA THR C 35 -8.40 6.83 -46.62
C THR C 35 -9.45 5.89 -46.06
N TYR C 36 -10.55 6.42 -45.54
CA TYR C 36 -11.55 5.59 -44.86
C TYR C 36 -12.91 6.22 -45.05
N MET C 37 -13.97 5.39 -44.95
CA MET C 37 -15.34 5.87 -45.01
C MET C 37 -15.80 6.21 -43.60
N ASP C 38 -16.25 7.44 -43.40
CA ASP C 38 -16.85 7.80 -42.14
C ASP C 38 -18.32 7.39 -42.19
N PRO C 39 -19.07 7.50 -41.08
CA PRO C 39 -20.46 7.01 -41.04
C PRO C 39 -21.47 7.79 -41.89
N THR C 40 -21.17 9.05 -42.25
CA THR C 40 -22.07 9.88 -43.06
C THR C 40 -22.03 9.43 -44.53
N GLY C 41 -21.09 8.55 -44.88
CA GLY C 41 -20.85 8.13 -46.26
C GLY C 41 -19.85 9.06 -46.96
N LYS C 42 -19.20 9.94 -46.20
CA LYS C 42 -18.17 10.85 -46.67
C LYS C 42 -16.80 10.19 -46.54
N THR C 43 -15.84 10.58 -47.39
CA THR C 43 -14.51 9.99 -47.38
C THR C 43 -13.57 10.97 -46.68
N ARG C 44 -12.58 10.41 -45.99
CA ARG C 44 -11.73 11.17 -45.09
C ARG C 44 -10.35 10.51 -45.08
N THR C 45 -9.35 11.26 -44.59
CA THR C 45 -7.98 10.77 -44.57
C THR C 45 -7.45 10.83 -43.15
N TRP C 46 -6.45 10.00 -42.88
CA TRP C 46 -5.77 9.96 -41.59
C TRP C 46 -4.30 9.68 -41.85
N GLU C 47 -3.41 10.32 -41.10
CA GLU C 47 -2.01 9.94 -41.22
C GLU C 47 -1.72 8.91 -40.14
N SER C 48 -1.14 7.80 -40.57
CA SER C 48 -1.02 6.56 -39.81
C SER C 48 0.43 6.10 -39.86
N VAL C 49 0.90 5.51 -38.77
CA VAL C 49 2.22 4.90 -38.70
C VAL C 49 2.05 3.38 -38.65
N LYS C 50 2.98 2.64 -39.30
CA LYS C 50 2.98 1.19 -39.33
C LYS C 50 4.44 0.73 -39.37
N ARG C 51 4.72 -0.53 -39.02
CA ARG C 51 6.08 -1.04 -39.12
C ARG C 51 6.35 -1.44 -40.56
N THR C 52 7.64 -1.58 -40.89
CA THR C 52 8.03 -2.00 -42.22
C THR C 52 7.98 -3.53 -42.29
N THR C 53 7.70 -4.17 -41.15
CA THR C 53 7.75 -5.61 -40.99
C THR C 53 6.34 -6.19 -40.81
N ARG C 54 5.48 -6.06 -41.82
CA ARG C 54 4.14 -6.64 -41.79
C ARG C 54 3.83 -7.19 -40.39
N THR C 58 -0.72 -11.43 -35.39
CA THR C 58 0.11 -11.37 -34.17
C THR C 58 0.13 -9.93 -33.67
N ALA C 59 0.17 -9.76 -32.34
CA ALA C 59 0.52 -8.49 -31.75
C ALA C 59 2.00 -8.21 -32.00
N ASP C 60 2.38 -6.95 -32.05
CA ASP C 60 3.78 -6.62 -32.31
C ASP C 60 4.70 -6.95 -31.13
N GLY C 61 4.22 -6.79 -29.90
CA GLY C 61 5.08 -6.79 -28.72
C GLY C 61 4.39 -7.28 -27.44
N VAL C 62 5.16 -7.29 -26.34
CA VAL C 62 4.59 -7.56 -25.04
C VAL C 62 5.15 -6.52 -24.07
N ALA C 63 4.29 -6.13 -23.11
CA ALA C 63 4.75 -5.45 -21.91
C ALA C 63 4.51 -6.37 -20.72
N VAL C 64 5.47 -6.45 -19.82
CA VAL C 64 5.32 -7.32 -18.66
C VAL C 64 5.00 -6.50 -17.40
N ILE C 65 3.94 -6.89 -16.71
CA ILE C 65 3.63 -6.38 -15.38
C ILE C 65 4.21 -7.33 -14.36
N PRO C 66 5.44 -7.05 -13.85
CA PRO C 66 6.18 -7.98 -12.99
C PRO C 66 6.03 -7.67 -11.51
N VAL C 67 5.35 -8.57 -10.80
CA VAL C 67 5.01 -8.42 -9.40
C VAL C 67 6.01 -9.25 -8.57
N LEU C 68 7.00 -8.56 -7.99
CA LEU C 68 8.04 -9.20 -7.19
C LEU C 68 7.50 -9.50 -5.80
N GLN C 69 7.15 -10.76 -5.55
CA GLN C 69 6.65 -11.18 -4.24
C GLN C 69 7.74 -11.81 -3.36
N ARG C 70 8.01 -11.17 -2.20
CA ARG C 70 8.89 -11.71 -1.17
C ARG C 70 8.19 -11.68 0.18
N THR C 71 8.17 -12.80 0.90
CA THR C 71 7.45 -12.80 2.16
C THR C 71 8.05 -11.78 3.14
N LEU C 72 7.19 -11.25 4.04
CA LEU C 72 7.51 -10.23 5.03
C LEU C 72 7.91 -8.88 4.40
N HIS C 73 7.65 -8.72 3.09
CA HIS C 73 7.87 -7.44 2.42
C HIS C 73 6.66 -7.06 1.60
N TYR C 74 6.51 -5.78 1.25
CA TYR C 74 5.53 -5.35 0.27
C TYR C 74 5.82 -5.99 -1.06
N GLU C 75 4.77 -6.31 -1.82
CA GLU C 75 5.00 -6.67 -3.21
C GLU C 75 5.50 -5.45 -3.96
N CYS C 76 6.38 -5.67 -4.95
CA CYS C 76 6.94 -4.59 -5.77
C CYS C 76 6.56 -4.79 -7.23
N ILE C 77 6.50 -3.67 -7.95
CA ILE C 77 6.30 -3.70 -9.38
C ILE C 77 7.66 -3.35 -9.94
N VAL C 78 8.17 -4.18 -10.82
CA VAL C 78 9.50 -4.01 -11.39
C VAL C 78 9.39 -3.20 -12.68
N LEU C 79 10.08 -2.07 -12.76
CA LEU C 79 10.03 -1.19 -13.91
C LEU C 79 11.44 -1.02 -14.44
N VAL C 80 11.54 -0.46 -15.66
CA VAL C 80 12.82 -0.19 -16.26
C VAL C 80 12.90 1.30 -16.60
N LYS C 81 14.12 1.86 -16.46
CA LYS C 81 14.43 3.22 -16.85
C LYS C 81 15.34 3.08 -18.08
N GLN C 82 14.98 3.74 -19.18
CA GLN C 82 15.79 3.74 -20.39
C GLN C 82 15.70 5.10 -21.05
N PHE C 83 16.74 5.46 -21.77
CA PHE C 83 16.69 6.61 -22.64
C PHE C 83 15.85 6.24 -23.87
N ARG C 84 14.94 7.15 -24.22
CA ARG C 84 14.01 6.95 -25.34
C ARG C 84 14.21 8.08 -26.34
N PRO C 85 14.85 7.76 -27.48
CA PRO C 85 15.16 8.81 -28.44
C PRO C 85 13.97 9.65 -28.86
N PRO C 86 12.77 9.08 -29.17
CA PRO C 86 11.62 9.89 -29.54
C PRO C 86 11.28 10.94 -28.47
N MET C 87 11.50 10.57 -27.22
CA MET C 87 11.17 11.42 -26.09
C MET C 87 12.35 12.35 -25.76
N GLY C 88 13.55 11.97 -26.19
CA GLY C 88 14.75 12.73 -25.92
C GLY C 88 14.97 12.87 -24.41
N GLY C 89 14.71 11.77 -23.70
CA GLY C 89 14.68 11.74 -22.25
C GLY C 89 14.53 10.31 -21.74
N TYR C 90 14.71 10.15 -20.42
CA TYR C 90 14.57 8.86 -19.76
C TYR C 90 13.13 8.68 -19.32
N CYS C 91 12.68 7.43 -19.48
CA CYS C 91 11.27 7.06 -19.36
C CYS C 91 11.21 5.84 -18.46
N ILE C 92 10.17 5.77 -17.62
CA ILE C 92 9.97 4.62 -16.74
C ILE C 92 8.83 3.77 -17.31
N GLU C 93 9.13 2.49 -17.54
CA GLU C 93 8.27 1.63 -18.33
C GLU C 93 8.18 0.24 -17.69
N PHE C 94 7.13 -0.49 -18.04
CA PHE C 94 7.05 -1.89 -17.73
C PHE C 94 8.07 -2.57 -18.63
N PRO C 95 8.77 -3.64 -18.21
CA PRO C 95 9.65 -4.35 -19.12
C PRO C 95 8.81 -4.72 -20.32
N ALA C 96 9.40 -4.57 -21.52
CA ALA C 96 8.66 -4.77 -22.75
C ALA C 96 9.61 -5.00 -23.93
N GLY C 97 9.03 -5.42 -25.06
CA GLY C 97 9.75 -5.48 -26.33
C GLY C 97 9.01 -6.31 -27.39
N LEU C 98 9.67 -6.47 -28.56
CA LEU C 98 9.12 -7.19 -29.69
C LEU C 98 9.08 -8.68 -29.39
N ILE C 99 7.96 -9.30 -29.78
CA ILE C 99 7.83 -10.75 -29.87
C ILE C 99 8.68 -11.17 -31.06
N ASP C 100 9.61 -12.14 -30.89
CA ASP C 100 10.58 -12.47 -31.93
C ASP C 100 10.06 -13.66 -32.75
N ASP C 101 10.74 -13.90 -33.90
CA ASP C 101 10.30 -14.81 -34.96
C ASP C 101 9.48 -15.99 -34.42
N GLY C 102 8.22 -16.12 -34.86
CA GLY C 102 7.33 -17.14 -34.34
C GLY C 102 7.76 -17.54 -32.94
N GLU C 103 7.42 -16.69 -31.95
CA GLU C 103 7.57 -16.91 -30.52
C GLU C 103 6.19 -16.62 -29.87
N THR C 104 5.85 -17.26 -28.75
CA THR C 104 4.55 -16.98 -28.16
C THR C 104 4.62 -15.71 -27.28
N PRO C 105 3.48 -15.02 -27.03
CA PRO C 105 3.45 -13.86 -26.12
C PRO C 105 4.05 -14.13 -24.73
N GLU C 106 3.62 -15.23 -24.12
CA GLU C 106 4.05 -15.58 -22.78
C GLU C 106 5.56 -15.71 -22.74
N ALA C 107 6.14 -16.32 -23.77
CA ALA C 107 7.54 -16.71 -23.74
C ALA C 107 8.40 -15.49 -24.05
N ALA C 108 7.87 -14.59 -24.91
CA ALA C 108 8.50 -13.31 -25.15
C ALA C 108 8.50 -12.49 -23.86
N ALA C 109 7.54 -12.78 -22.98
CA ALA C 109 7.34 -12.04 -21.74
C ALA C 109 8.43 -12.39 -20.73
N LEU C 110 8.59 -13.69 -20.49
CA LEU C 110 9.63 -14.19 -19.59
C LEU C 110 11.02 -13.82 -20.11
N ARG C 111 11.16 -13.80 -21.43
CA ARG C 111 12.47 -13.59 -22.00
C ARG C 111 12.83 -12.11 -21.82
N GLU C 112 11.94 -11.23 -22.30
CA GLU C 112 12.16 -9.80 -22.20
C GLU C 112 12.41 -9.45 -20.74
N LEU C 113 11.71 -10.14 -19.82
CA LEU C 113 11.75 -9.80 -18.40
C LEU C 113 13.13 -10.19 -17.88
N GLU C 114 13.60 -11.36 -18.32
CA GLU C 114 14.95 -11.78 -18.01
C GLU C 114 15.99 -10.87 -18.67
N GLU C 115 15.88 -10.65 -19.98
CA GLU C 115 16.85 -9.80 -20.65
C GLU C 115 16.92 -8.42 -19.98
N GLU C 116 15.75 -7.86 -19.60
CA GLU C 116 15.72 -6.48 -19.16
C GLU C 116 16.03 -6.40 -17.65
N THR C 117 15.65 -7.41 -16.85
CA THR C 117 15.65 -7.22 -15.41
C THR C 117 16.51 -8.26 -14.71
N GLY C 118 16.59 -9.45 -15.32
CA GLY C 118 17.31 -10.58 -14.73
C GLY C 118 16.37 -11.48 -13.97
N TYR C 119 15.13 -11.03 -13.72
CA TYR C 119 14.19 -11.83 -12.96
C TYR C 119 13.61 -12.94 -13.84
N LYS C 120 13.40 -14.08 -13.21
CA LYS C 120 12.77 -15.23 -13.81
C LYS C 120 11.43 -15.43 -13.12
N GLY C 121 10.34 -15.42 -13.88
CA GLY C 121 9.02 -15.42 -13.29
C GLY C 121 8.08 -16.41 -13.95
N ASP C 122 6.84 -16.43 -13.42
CA ASP C 122 5.78 -17.30 -13.85
C ASP C 122 4.59 -16.48 -14.35
N ILE C 123 3.96 -16.94 -15.45
CA ILE C 123 2.76 -16.32 -15.99
C ILE C 123 1.63 -16.42 -14.99
N ALA C 124 0.98 -15.29 -14.67
CA ALA C 124 -0.31 -15.32 -14.00
C ALA C 124 -1.42 -15.07 -15.03
N GLU C 125 -1.20 -14.17 -16.00
CA GLU C 125 -2.25 -13.91 -16.96
C GLU C 125 -1.72 -13.18 -18.21
N CYS C 126 -2.52 -13.23 -19.26
CA CYS C 126 -2.16 -12.70 -20.56
C CYS C 126 -3.38 -12.03 -21.15
N SER C 127 -3.24 -10.75 -21.53
CA SER C 127 -4.32 -9.99 -22.16
C SER C 127 -4.49 -10.38 -23.61
N PRO C 128 -5.67 -10.08 -24.19
CA PRO C 128 -5.77 -10.06 -25.64
C PRO C 128 -4.88 -8.93 -26.14
N ALA C 129 -4.60 -8.94 -27.44
CA ALA C 129 -3.83 -7.89 -28.06
C ALA C 129 -4.56 -6.57 -27.81
N VAL C 130 -3.83 -5.55 -27.30
CA VAL C 130 -4.41 -4.25 -26.99
C VAL C 130 -3.63 -3.18 -27.76
N CYS C 131 -4.29 -2.06 -28.11
CA CYS C 131 -3.65 -1.08 -28.95
C CYS C 131 -2.84 -0.10 -28.10
N MET C 132 -1.62 0.24 -28.56
CA MET C 132 -0.69 1.12 -27.87
C MET C 132 -1.09 2.58 -28.02
N ASP C 133 -1.62 2.94 -29.20
CA ASP C 133 -1.71 4.34 -29.57
C ASP C 133 -2.56 4.49 -30.84
N PRO C 134 -3.86 4.17 -30.79
CA PRO C 134 -4.61 3.93 -32.02
C PRO C 134 -4.97 5.20 -32.78
N GLY C 135 -4.72 6.34 -32.16
CA GLY C 135 -4.80 7.62 -32.85
C GLY C 135 -3.64 7.83 -33.81
N LEU C 136 -2.62 6.94 -33.79
CA LEU C 136 -1.41 7.13 -34.55
C LEU C 136 -0.98 5.86 -35.28
N SER C 137 -0.95 4.72 -34.61
CA SER C 137 -0.34 3.50 -35.15
C SER C 137 -1.27 2.32 -34.95
N ASN C 138 -0.91 1.23 -35.60
CA ASN C 138 -1.63 -0.02 -35.39
C ASN C 138 -0.83 -0.91 -34.43
N CYS C 139 0.06 -0.31 -33.63
CA CYS C 139 0.86 -1.12 -32.73
C CYS C 139 -0.06 -1.80 -31.71
N THR C 140 0.06 -3.13 -31.54
CA THR C 140 -0.64 -3.86 -30.50
C THR C 140 0.38 -4.61 -29.66
N ILE C 141 0.06 -4.85 -28.38
CA ILE C 141 0.91 -5.65 -27.50
C ILE C 141 0.01 -6.58 -26.72
N HIS C 142 0.62 -7.60 -26.15
CA HIS C 142 -0.05 -8.40 -25.15
C HIS C 142 0.50 -7.92 -23.81
N ILE C 143 -0.37 -7.65 -22.83
CA ILE C 143 0.13 -7.30 -21.50
C ILE C 143 0.10 -8.56 -20.67
N VAL C 144 1.26 -8.92 -20.15
CA VAL C 144 1.38 -10.17 -19.44
C VAL C 144 1.82 -9.91 -18.01
N THR C 145 0.94 -10.30 -17.09
CA THR C 145 1.14 -10.23 -15.68
C THR C 145 1.87 -11.50 -15.28
N VAL C 146 2.96 -11.27 -14.56
CA VAL C 146 3.95 -12.26 -14.17
C VAL C 146 4.29 -12.02 -12.70
N THR C 147 4.26 -13.09 -11.90
CA THR C 147 4.72 -13.02 -10.53
C THR C 147 6.15 -13.53 -10.50
N ILE C 148 6.97 -12.85 -9.71
CA ILE C 148 8.35 -13.22 -9.51
C ILE C 148 8.46 -13.70 -8.09
N ASN C 149 8.82 -14.99 -7.92
CA ASN C 149 9.21 -15.50 -6.60
C ASN C 149 10.59 -14.96 -6.20
N GLY C 150 10.53 -13.90 -5.39
CA GLY C 150 11.72 -13.18 -4.98
C GLY C 150 12.44 -13.89 -3.83
N ASP C 151 11.83 -14.96 -3.29
CA ASP C 151 12.43 -15.77 -2.25
C ASP C 151 13.11 -17.04 -2.81
N ASP C 152 13.08 -17.23 -4.13
CA ASP C 152 13.84 -18.28 -4.80
C ASP C 152 15.22 -17.77 -5.21
N ALA C 153 16.24 -18.63 -5.06
CA ALA C 153 17.63 -18.22 -5.27
C ALA C 153 17.90 -17.74 -6.71
N GLU C 154 17.20 -18.27 -7.72
CA GLU C 154 17.36 -17.75 -9.09
C GLU C 154 17.13 -16.24 -9.11
N ASN C 155 16.28 -15.73 -8.21
CA ASN C 155 15.96 -14.32 -8.20
C ASN C 155 16.68 -13.61 -7.07
N ALA C 156 17.59 -14.30 -6.37
CA ALA C 156 18.45 -13.67 -5.37
C ALA C 156 19.25 -12.52 -5.99
N ARG C 157 20.14 -12.84 -6.91
CA ARG C 157 21.05 -11.85 -7.50
C ARG C 157 20.77 -11.73 -8.99
N PRO C 158 19.63 -11.13 -9.39
CA PRO C 158 19.16 -11.23 -10.77
C PRO C 158 20.13 -10.54 -11.73
N LYS C 159 20.39 -11.17 -12.89
CA LYS C 159 21.41 -10.71 -13.81
C LYS C 159 20.75 -10.22 -15.10
N PRO C 160 20.69 -8.89 -15.35
CA PRO C 160 20.27 -8.39 -16.67
C PRO C 160 21.26 -8.80 -17.76
N LYS C 161 20.76 -9.48 -18.80
CA LYS C 161 21.50 -9.71 -20.04
C LYS C 161 20.87 -8.89 -21.17
N PRO C 162 21.19 -7.58 -21.29
CA PRO C 162 20.61 -6.75 -22.35
C PRO C 162 21.35 -6.92 -23.68
N GLY C 163 20.60 -7.05 -24.78
CA GLY C 163 21.19 -7.17 -26.12
C GLY C 163 21.89 -5.89 -26.57
N ASP C 164 22.48 -5.96 -27.77
CA ASP C 164 23.28 -4.87 -28.33
C ASP C 164 22.61 -3.52 -28.09
N GLY C 165 23.34 -2.61 -27.41
CA GLY C 165 22.97 -1.21 -27.32
C GLY C 165 21.74 -0.97 -26.44
N GLU C 166 21.35 -1.96 -25.65
CA GLU C 166 20.20 -1.84 -24.76
C GLU C 166 20.73 -1.55 -23.36
N PHE C 167 20.50 -0.31 -22.88
CA PHE C 167 21.01 0.15 -21.61
C PHE C 167 19.82 0.41 -20.69
N VAL C 168 19.68 -0.43 -19.66
CA VAL C 168 18.44 -0.57 -18.93
C VAL C 168 18.76 -0.61 -17.44
N GLU C 169 18.21 0.34 -16.69
CA GLU C 169 18.32 0.38 -15.23
C GLU C 169 17.00 -0.12 -14.65
N VAL C 170 17.09 -1.08 -13.73
CA VAL C 170 15.91 -1.65 -13.10
C VAL C 170 15.54 -0.74 -11.93
N ILE C 171 14.25 -0.47 -11.76
CA ILE C 171 13.75 0.12 -10.53
C ILE C 171 12.54 -0.71 -10.10
N SER C 172 12.59 -1.25 -8.88
CA SER C 172 11.45 -1.91 -8.27
C SER C 172 10.80 -0.93 -7.30
N LEU C 173 9.49 -0.79 -7.39
CA LEU C 173 8.76 0.14 -6.55
C LEU C 173 7.68 -0.63 -5.80
N PRO C 174 7.57 -0.43 -4.47
CA PRO C 174 6.47 -1.02 -3.68
C PRO C 174 5.11 -0.79 -4.35
N LYS C 175 4.29 -1.83 -4.44
CA LYS C 175 2.99 -1.73 -5.11
C LYS C 175 2.02 -0.91 -4.25
N ASN C 176 2.32 -0.82 -2.93
CA ASN C 176 1.51 -0.18 -1.89
C ASN C 176 1.45 1.34 -2.07
N ASP C 177 2.56 1.96 -2.50
CA ASP C 177 2.62 3.40 -2.72
C ASP C 177 3.08 3.71 -4.15
N LEU C 178 2.55 2.96 -5.13
CA LEU C 178 3.18 2.99 -6.45
C LEU C 178 2.99 4.40 -6.99
N LEU C 179 1.76 4.90 -6.94
CA LEU C 179 1.41 6.17 -7.55
C LEU C 179 2.26 7.31 -6.97
N GLN C 180 2.44 7.33 -5.65
CA GLN C 180 3.27 8.31 -4.95
C GLN C 180 4.73 8.16 -5.33
N ARG C 181 5.22 6.92 -5.48
CA ARG C 181 6.58 6.72 -5.90
C ARG C 181 6.78 7.22 -7.33
N LEU C 182 5.79 7.04 -8.20
CA LEU C 182 5.96 7.44 -9.56
C LEU C 182 6.02 8.97 -9.60
N ASP C 183 5.06 9.65 -8.94
CA ASP C 183 4.99 11.11 -8.95
C ASP C 183 6.28 11.72 -8.39
N ALA C 184 6.82 11.11 -7.33
CA ALA C 184 8.09 11.54 -6.73
C ALA C 184 9.23 11.47 -7.75
N LEU C 185 9.31 10.36 -8.51
CA LEU C 185 10.32 10.20 -9.54
C LEU C 185 10.21 11.31 -10.59
N VAL C 186 8.99 11.70 -10.99
CA VAL C 186 8.83 12.74 -11.99
C VAL C 186 9.26 14.10 -11.40
N ALA C 187 8.93 14.37 -10.12
CA ALA C 187 9.14 15.68 -9.49
C ALA C 187 10.63 15.89 -9.23
N GLU C 188 11.32 14.78 -8.96
CA GLU C 188 12.70 14.82 -8.55
C GLU C 188 13.56 14.68 -9.78
N GLU C 189 13.60 13.48 -10.36
CA GLU C 189 14.59 13.14 -11.36
C GLU C 189 14.14 13.60 -12.76
N HIS C 190 13.04 14.35 -12.90
CA HIS C 190 12.52 14.74 -14.21
C HIS C 190 12.76 13.62 -15.24
N LEU C 191 12.04 12.51 -15.08
CA LEU C 191 11.88 11.58 -16.18
C LEU C 191 10.39 11.42 -16.42
N THR C 192 10.05 10.77 -17.53
CA THR C 192 8.67 10.62 -17.91
C THR C 192 8.19 9.21 -17.52
N VAL C 193 6.98 9.12 -16.96
CA VAL C 193 6.38 7.82 -16.72
C VAL C 193 5.50 7.48 -17.93
N ASP C 194 5.54 6.22 -18.32
CA ASP C 194 4.69 5.66 -19.32
C ASP C 194 3.25 5.65 -18.86
N ALA C 195 2.34 5.85 -19.81
CA ALA C 195 0.94 6.00 -19.51
C ALA C 195 0.32 4.68 -19.01
N ARG C 196 0.83 3.52 -19.42
CA ARG C 196 0.27 2.25 -19.00
CA ARG C 196 0.23 2.27 -18.99
C ARG C 196 0.62 2.03 -17.53
N VAL C 197 1.87 2.34 -17.16
CA VAL C 197 2.32 2.26 -15.77
C VAL C 197 1.45 3.18 -14.92
N TYR C 198 1.24 4.42 -15.39
CA TYR C 198 0.53 5.41 -14.61
C TYR C 198 -0.92 4.97 -14.41
N SER C 199 -1.57 4.53 -15.48
CA SER C 199 -2.89 3.95 -15.46
C SER C 199 -3.01 2.82 -14.43
N TYR C 200 -2.00 1.95 -14.35
CA TYR C 200 -2.03 0.85 -13.41
C TYR C 200 -1.85 1.37 -11.95
N ALA C 201 -0.91 2.29 -11.73
CA ALA C 201 -0.74 2.93 -10.40
C ALA C 201 -2.02 3.63 -9.90
N LEU C 202 -2.71 4.33 -10.79
CA LEU C 202 -3.97 4.99 -10.51
C LEU C 202 -5.02 4.01 -10.06
N ALA C 203 -5.25 2.93 -10.83
CA ALA C 203 -6.29 1.98 -10.51
C ALA C 203 -6.00 1.30 -9.19
N LEU C 204 -4.74 1.09 -8.83
CA LEU C 204 -4.45 0.54 -7.49
C LEU C 204 -5.09 1.39 -6.41
N LYS C 205 -5.00 2.74 -6.54
CA LYS C 205 -5.64 3.66 -5.63
C LYS C 205 -7.15 3.68 -5.82
N HIS C 206 -7.61 3.65 -7.09
CA HIS C 206 -9.03 3.81 -7.38
C HIS C 206 -9.87 2.63 -6.93
N ALA C 207 -9.30 1.41 -6.87
CA ALA C 207 -10.01 0.22 -6.42
C ALA C 207 -10.59 0.39 -5.01
N ASN C 208 -9.97 1.28 -4.23
CA ASN C 208 -10.62 1.94 -3.10
C ASN C 208 -11.69 2.92 -3.59
N LYS D 14 5.97 22.18 24.31
CA LYS D 14 5.42 23.07 25.38
C LYS D 14 5.26 22.31 26.69
N GLN D 15 4.76 21.06 26.63
CA GLN D 15 4.56 20.29 27.85
C GLN D 15 5.84 19.58 28.22
N TYR D 16 6.19 19.60 29.52
CA TYR D 16 7.41 18.99 30.01
C TYR D 16 7.18 18.50 31.43
N ILE D 17 8.06 17.61 31.88
CA ILE D 17 8.03 17.15 33.25
C ILE D 17 8.53 18.29 34.13
N ILE D 18 7.86 18.51 35.28
CA ILE D 18 8.33 19.42 36.32
C ILE D 18 9.06 18.61 37.38
N SER D 19 8.36 17.65 37.99
CA SER D 19 8.93 16.82 39.03
C SER D 19 8.38 15.40 38.96
N GLU D 20 9.05 14.50 39.69
CA GLU D 20 8.63 13.13 39.91
C GLU D 20 9.01 12.74 41.33
N GLU D 21 8.00 12.38 42.13
CA GLU D 21 8.14 12.20 43.57
C GLU D 21 7.78 10.76 43.92
N LEU D 22 8.63 10.11 44.72
CA LEU D 22 8.45 8.70 45.08
C LEU D 22 7.19 8.55 45.92
N ILE D 23 6.41 7.50 45.64
CA ILE D 23 5.25 7.13 46.44
C ILE D 23 5.59 5.87 47.24
N SER D 24 6.12 4.87 46.54
CA SER D 24 6.36 3.57 47.11
C SER D 24 7.21 2.77 46.12
N GLU D 25 8.35 2.26 46.60
CA GLU D 25 9.31 1.54 45.79
C GLU D 25 9.25 0.08 46.16
N GLY D 26 9.74 -0.81 45.28
CA GLY D 26 9.65 -2.24 45.48
C GLY D 26 10.91 -2.93 44.97
N LYS D 27 10.94 -4.27 45.05
CA LYS D 27 12.09 -5.01 44.58
C LYS D 27 12.31 -4.72 43.08
N TRP D 28 11.23 -4.69 42.28
CA TRP D 28 11.30 -4.67 40.81
C TRP D 28 10.76 -3.39 40.16
N VAL D 29 9.70 -2.79 40.74
CA VAL D 29 9.00 -1.65 40.15
C VAL D 29 8.63 -0.62 41.23
N LYS D 30 8.46 0.65 40.84
CA LYS D 30 8.14 1.70 41.79
C LYS D 30 7.04 2.60 41.26
N LEU D 31 6.17 3.05 42.17
CA LEU D 31 5.14 4.02 41.84
C LEU D 31 5.61 5.41 42.26
N GLU D 32 5.15 6.42 41.50
CA GLU D 32 5.64 7.79 41.63
C GLU D 32 4.56 8.76 41.20
N LYS D 33 4.54 9.92 41.84
CA LYS D 33 3.70 11.02 41.40
C LYS D 33 4.51 11.86 40.42
N THR D 34 3.83 12.34 39.37
CA THR D 34 4.44 13.13 38.31
C THR D 34 3.71 14.45 38.29
N THR D 35 4.46 15.55 38.15
CA THR D 35 3.84 16.87 38.01
C THR D 35 4.32 17.45 36.69
N TYR D 36 3.40 17.95 35.84
CA TYR D 36 3.79 18.32 34.48
C TYR D 36 3.03 19.59 34.08
N MET D 37 3.58 20.29 33.10
CA MET D 37 2.98 21.50 32.56
C MET D 37 2.14 21.13 31.34
N ASP D 38 0.85 21.45 31.39
CA ASP D 38 -0.01 21.25 30.24
C ASP D 38 0.26 22.39 29.28
N PRO D 39 -0.28 22.35 28.03
CA PRO D 39 0.08 23.34 27.01
C PRO D 39 -0.63 24.67 27.22
N THR D 40 -1.55 24.72 28.19
CA THR D 40 -2.16 25.97 28.63
C THR D 40 -1.62 26.32 30.01
N GLY D 41 -0.31 26.51 30.10
CA GLY D 41 0.37 26.91 31.33
C GLY D 41 -0.43 26.60 32.59
N LYS D 42 -0.55 25.30 32.92
CA LYS D 42 -1.23 24.89 34.13
C LYS D 42 -0.62 23.58 34.62
N THR D 43 -0.12 23.59 35.85
CA THR D 43 0.41 22.38 36.47
C THR D 43 -0.70 21.33 36.56
N ARG D 44 -0.36 20.07 36.27
CA ARG D 44 -1.25 18.95 36.47
C ARG D 44 -0.40 17.78 36.96
N THR D 45 -1.05 16.76 37.56
CA THR D 45 -0.34 15.63 38.13
C THR D 45 -0.77 14.33 37.44
N TRP D 46 -0.02 13.25 37.71
CA TRP D 46 -0.23 11.94 37.12
C TRP D 46 0.52 10.88 37.94
N GLU D 47 -0.08 9.72 38.16
CA GLU D 47 0.60 8.61 38.81
C GLU D 47 1.22 7.70 37.77
N SER D 48 2.50 7.35 37.98
CA SER D 48 3.40 6.83 36.97
C SER D 48 4.23 5.68 37.51
N VAL D 49 4.20 4.54 36.82
CA VAL D 49 5.03 3.39 37.18
C VAL D 49 6.36 3.45 36.43
N LYS D 50 7.43 3.04 37.12
CA LYS D 50 8.78 2.98 36.60
C LYS D 50 9.51 1.82 37.27
N ARG D 51 10.68 1.40 36.75
CA ARG D 51 11.40 0.25 37.30
C ARG D 51 12.41 0.70 38.38
N THR D 52 13.54 -0.01 38.52
CA THR D 52 14.57 0.34 39.50
C THR D 52 15.96 0.15 38.92
N THR D 58 18.77 2.92 26.17
CA THR D 58 18.29 1.52 26.11
C THR D 58 16.76 1.57 25.97
N ALA D 59 16.17 0.50 25.38
CA ALA D 59 14.81 0.06 25.70
C ALA D 59 14.84 -0.97 26.85
N ASP D 60 13.74 -1.13 27.58
CA ASP D 60 13.69 -2.09 28.67
C ASP D 60 13.83 -3.52 28.18
N GLY D 61 13.09 -3.88 27.11
CA GLY D 61 13.11 -5.26 26.67
C GLY D 61 12.91 -5.42 25.17
N VAL D 62 12.56 -6.63 24.77
CA VAL D 62 12.27 -6.94 23.39
C VAL D 62 11.07 -7.87 23.32
N ALA D 63 10.32 -7.75 22.23
CA ALA D 63 9.32 -8.72 21.91
C ALA D 63 9.69 -9.23 20.53
N VAL D 64 9.60 -10.55 20.38
CA VAL D 64 10.00 -11.19 19.17
C VAL D 64 8.74 -11.54 18.37
N ILE D 65 8.71 -11.11 17.12
CA ILE D 65 7.72 -11.63 16.21
C ILE D 65 8.40 -12.73 15.42
N PRO D 66 8.16 -14.03 15.73
CA PRO D 66 8.87 -15.16 15.16
C PRO D 66 8.03 -15.78 14.05
N VAL D 67 8.51 -15.66 12.84
CA VAL D 67 7.81 -16.19 11.68
C VAL D 67 8.44 -17.51 11.25
N LEU D 68 7.73 -18.61 11.51
CA LEU D 68 8.22 -19.92 11.13
C LEU D 68 7.99 -20.15 9.64
N GLN D 69 9.10 -20.34 8.90
CA GLN D 69 9.03 -20.49 7.45
C GLN D 69 9.40 -21.92 7.06
N ARG D 70 8.65 -22.44 6.09
CA ARG D 70 8.71 -23.85 5.71
C ARG D 70 8.37 -23.98 4.24
N THR D 71 9.25 -24.66 3.49
CA THR D 71 9.11 -24.93 2.08
C THR D 71 7.66 -25.20 1.72
N LEU D 72 7.05 -26.16 2.41
CA LEU D 72 5.79 -26.74 1.97
C LEU D 72 4.57 -26.06 2.58
N HIS D 73 4.74 -25.04 3.43
CA HIS D 73 3.62 -24.51 4.18
C HIS D 73 3.59 -23.00 4.12
N TYR D 74 2.40 -22.45 4.43
CA TYR D 74 2.25 -21.06 4.79
C TYR D 74 2.91 -20.84 6.15
N GLU D 75 3.37 -19.62 6.37
CA GLU D 75 4.10 -19.28 7.57
C GLU D 75 3.25 -19.46 8.82
N CYS D 76 3.90 -19.72 9.98
CA CYS D 76 3.30 -19.65 11.29
C CYS D 76 3.96 -18.52 12.09
N ILE D 77 3.17 -17.92 12.98
CA ILE D 77 3.67 -17.07 14.02
C ILE D 77 3.79 -17.91 15.27
N VAL D 78 4.96 -17.85 15.88
CA VAL D 78 5.20 -18.56 17.13
C VAL D 78 4.91 -17.66 18.31
N LEU D 79 4.10 -18.20 19.22
CA LEU D 79 3.63 -17.55 20.43
C LEU D 79 3.87 -18.48 21.62
N VAL D 80 3.76 -17.87 22.81
CA VAL D 80 4.01 -18.51 24.09
C VAL D 80 2.80 -18.21 24.95
N LYS D 81 2.28 -19.24 25.61
CA LYS D 81 1.30 -19.13 26.67
C LYS D 81 2.03 -19.17 28.01
N GLN D 82 1.69 -18.27 28.92
CA GLN D 82 2.40 -18.28 30.20
C GLN D 82 1.42 -17.85 31.28
N PHE D 83 1.70 -18.26 32.53
CA PHE D 83 1.01 -17.76 33.71
C PHE D 83 1.55 -16.36 33.99
N ARG D 84 0.66 -15.41 34.22
CA ARG D 84 1.09 -14.05 34.51
C ARG D 84 0.47 -13.58 35.80
N PRO D 85 1.25 -13.59 36.90
CA PRO D 85 0.75 -13.11 38.19
C PRO D 85 -0.13 -11.86 38.19
N PRO D 86 0.22 -10.76 37.49
CA PRO D 86 -0.64 -9.57 37.52
C PRO D 86 -2.04 -9.74 36.90
N MET D 87 -2.20 -10.71 36.02
CA MET D 87 -3.48 -10.95 35.36
C MET D 87 -4.21 -12.13 36.00
N GLY D 88 -3.47 -12.98 36.71
CA GLY D 88 -4.09 -14.03 37.50
C GLY D 88 -4.50 -15.14 36.55
N GLY D 89 -3.75 -15.28 35.45
CA GLY D 89 -4.13 -16.21 34.42
C GLY D 89 -3.08 -16.35 33.33
N TYR D 90 -3.32 -17.31 32.45
CA TYR D 90 -2.51 -17.58 31.28
C TYR D 90 -2.79 -16.46 30.30
N CYS D 91 -1.73 -15.96 29.67
CA CYS D 91 -1.86 -14.99 28.60
C CYS D 91 -1.10 -15.49 27.39
N ILE D 92 -1.59 -15.18 26.19
CA ILE D 92 -0.88 -15.56 24.98
C ILE D 92 -0.09 -14.36 24.44
N GLU D 93 1.22 -14.56 24.17
CA GLU D 93 2.16 -13.46 23.97
C GLU D 93 3.23 -13.77 22.94
N PHE D 94 3.79 -12.71 22.33
CA PHE D 94 5.03 -12.85 21.59
C PHE D 94 6.10 -13.21 22.62
N PRO D 95 7.03 -14.12 22.31
CA PRO D 95 8.21 -14.31 23.16
C PRO D 95 8.83 -12.94 23.43
N ALA D 96 9.22 -12.71 24.68
CA ALA D 96 9.63 -11.41 25.15
C ALA D 96 10.40 -11.57 26.45
N GLY D 97 11.32 -10.62 26.69
CA GLY D 97 11.98 -10.44 27.97
C GLY D 97 12.89 -9.23 27.98
N LEU D 98 13.61 -9.04 29.11
CA LEU D 98 14.55 -7.95 29.30
C LEU D 98 15.82 -8.15 28.48
N ILE D 99 16.44 -7.03 28.09
CA ILE D 99 17.76 -6.98 27.49
C ILE D 99 18.78 -7.03 28.64
N ASP D 100 19.74 -7.95 28.55
CA ASP D 100 20.77 -8.12 29.57
C ASP D 100 21.74 -6.95 29.51
N ASP D 101 22.56 -6.82 30.57
CA ASP D 101 23.66 -5.86 30.58
C ASP D 101 24.52 -6.07 29.33
N GLY D 102 24.64 -5.01 28.51
CA GLY D 102 25.58 -4.97 27.38
C GLY D 102 25.21 -5.92 26.24
N GLU D 103 23.91 -6.21 26.07
CA GLU D 103 23.42 -7.01 24.95
C GLU D 103 22.68 -6.11 23.97
N THR D 104 22.81 -6.38 22.66
CA THR D 104 22.02 -5.67 21.66
C THR D 104 20.58 -6.17 21.73
N PRO D 105 19.58 -5.41 21.26
CA PRO D 105 18.22 -5.94 21.21
C PRO D 105 18.19 -7.17 20.30
N GLU D 106 18.97 -7.13 19.24
CA GLU D 106 18.94 -8.23 18.29
C GLU D 106 19.35 -9.51 19.02
N ALA D 107 20.41 -9.44 19.83
CA ALA D 107 20.90 -10.64 20.50
C ALA D 107 19.91 -11.04 21.56
N ALA D 108 19.36 -10.08 22.31
CA ALA D 108 18.30 -10.39 23.25
C ALA D 108 17.18 -11.16 22.54
N ALA D 109 16.85 -10.81 21.29
CA ALA D 109 15.69 -11.40 20.67
C ALA D 109 15.99 -12.85 20.31
N LEU D 110 17.19 -13.12 19.79
CA LEU D 110 17.52 -14.46 19.33
C LEU D 110 17.63 -15.39 20.55
N ARG D 111 18.01 -14.81 21.69
CA ARG D 111 18.22 -15.56 22.91
C ARG D 111 16.89 -15.88 23.60
N GLU D 112 16.11 -14.85 23.91
CA GLU D 112 14.77 -15.05 24.43
C GLU D 112 14.03 -16.03 23.52
N LEU D 113 14.13 -15.87 22.20
CA LEU D 113 13.35 -16.72 21.32
C LEU D 113 13.72 -18.20 21.58
N GLU D 114 15.01 -18.52 21.48
CA GLU D 114 15.50 -19.88 21.69
C GLU D 114 15.19 -20.39 23.10
N GLU D 115 15.47 -19.59 24.12
CA GLU D 115 15.12 -19.91 25.47
C GLU D 115 13.65 -20.30 25.63
N GLU D 116 12.72 -19.52 25.07
CA GLU D 116 11.30 -19.72 25.40
C GLU D 116 10.60 -20.66 24.44
N THR D 117 11.28 -21.08 23.39
CA THR D 117 10.62 -21.69 22.27
C THR D 117 11.41 -22.88 21.74
N GLY D 118 12.74 -22.80 21.82
CA GLY D 118 13.63 -23.82 21.27
C GLY D 118 14.06 -23.55 19.84
N TYR D 119 13.43 -22.55 19.17
CA TYR D 119 13.75 -22.24 17.80
C TYR D 119 14.98 -21.35 17.76
N LYS D 120 15.76 -21.61 16.71
CA LYS D 120 16.90 -20.81 16.29
C LYS D 120 16.52 -19.99 15.06
N GLY D 121 16.63 -18.66 15.16
CA GLY D 121 16.23 -17.82 14.04
C GLY D 121 17.26 -16.77 13.69
N ASP D 122 16.95 -16.03 12.61
CA ASP D 122 17.72 -14.96 12.03
C ASP D 122 16.94 -13.64 12.14
N ILE D 123 17.62 -12.57 12.56
CA ILE D 123 17.05 -11.23 12.57
C ILE D 123 16.52 -10.92 11.17
N ALA D 124 15.24 -10.47 11.07
CA ALA D 124 14.77 -9.84 9.85
C ALA D 124 14.71 -8.32 10.01
N GLU D 125 14.36 -7.80 11.18
CA GLU D 125 14.24 -6.35 11.31
C GLU D 125 13.92 -6.02 12.75
N CYS D 126 14.31 -4.81 13.15
CA CYS D 126 14.23 -4.34 14.52
C CYS D 126 13.66 -2.94 14.54
N SER D 127 12.54 -2.77 15.26
CA SER D 127 11.85 -1.52 15.46
C SER D 127 12.68 -0.56 16.31
N PRO D 128 12.40 0.75 16.27
CA PRO D 128 12.85 1.70 17.30
C PRO D 128 12.18 1.32 18.61
N ALA D 129 12.62 1.92 19.73
CA ALA D 129 11.96 1.71 21.01
C ALA D 129 10.51 2.22 20.92
N VAL D 130 9.56 1.43 21.42
CA VAL D 130 8.14 1.76 21.37
C VAL D 130 7.56 1.57 22.77
N CYS D 131 6.52 2.33 23.14
CA CYS D 131 6.05 2.31 24.53
C CYS D 131 5.03 1.20 24.69
N MET D 132 5.10 0.51 25.83
CA MET D 132 4.19 -0.58 26.08
C MET D 132 2.88 -0.08 26.62
N ASP D 133 2.91 0.97 27.44
CA ASP D 133 1.72 1.27 28.22
C ASP D 133 1.79 2.74 28.66
N PRO D 134 1.74 3.73 27.73
CA PRO D 134 2.20 5.08 28.04
C PRO D 134 1.34 5.90 29.00
N GLY D 135 0.06 5.58 29.11
CA GLY D 135 -0.81 6.12 30.15
C GLY D 135 -0.42 5.64 31.57
N LEU D 136 0.44 4.62 31.69
CA LEU D 136 0.79 4.07 32.99
C LEU D 136 2.30 4.01 33.27
N SER D 137 3.09 3.44 32.35
CA SER D 137 4.52 3.24 32.59
C SER D 137 5.33 3.91 31.50
N ASN D 138 6.65 3.93 31.72
CA ASN D 138 7.63 4.34 30.72
C ASN D 138 8.31 3.12 30.10
N CYS D 139 7.67 1.96 30.11
CA CYS D 139 8.27 0.74 29.55
C CYS D 139 8.35 0.88 28.04
N THR D 140 9.53 0.53 27.50
CA THR D 140 9.75 0.55 26.06
C THR D 140 10.36 -0.79 25.63
N ILE D 141 10.03 -1.20 24.41
CA ILE D 141 10.65 -2.40 23.90
C ILE D 141 11.13 -2.15 22.48
N HIS D 142 11.97 -3.04 21.97
CA HIS D 142 12.12 -3.23 20.54
C HIS D 142 11.28 -4.44 20.16
N ILE D 143 10.54 -4.29 19.08
CA ILE D 143 9.90 -5.37 18.36
C ILE D 143 10.84 -5.83 17.27
N VAL D 144 11.23 -7.09 17.39
CA VAL D 144 12.26 -7.66 16.53
C VAL D 144 11.56 -8.82 15.82
N THR D 145 11.46 -8.67 14.50
CA THR D 145 10.93 -9.69 13.64
C THR D 145 12.07 -10.67 13.38
N VAL D 146 11.83 -11.95 13.67
CA VAL D 146 12.83 -12.96 13.46
C VAL D 146 12.24 -14.05 12.58
N THR D 147 12.97 -14.50 11.59
CA THR D 147 12.54 -15.61 10.75
C THR D 147 13.15 -16.90 11.27
N ILE D 148 12.40 -17.99 11.11
CA ILE D 148 12.84 -19.30 11.59
C ILE D 148 12.79 -20.26 10.42
N ASN D 149 13.96 -20.80 10.04
CA ASN D 149 13.99 -21.83 9.02
C ASN D 149 13.55 -23.16 9.67
N GLY D 150 12.30 -23.52 9.42
CA GLY D 150 11.67 -24.64 10.08
C GLY D 150 11.95 -25.93 9.32
N ASP D 151 12.65 -25.78 8.18
CA ASP D 151 13.05 -26.88 7.35
C ASP D 151 14.44 -27.34 7.78
N ASP D 152 15.14 -26.52 8.56
CA ASP D 152 16.50 -26.81 8.93
C ASP D 152 16.46 -27.91 9.98
N ALA D 153 17.40 -28.85 9.84
CA ALA D 153 17.59 -29.91 10.80
C ALA D 153 17.63 -29.34 12.22
N GLU D 154 18.30 -28.17 12.41
CA GLU D 154 18.51 -27.62 13.75
C GLU D 154 17.17 -27.21 14.39
N ASN D 155 16.09 -27.03 13.60
CA ASN D 155 14.79 -26.67 14.15
C ASN D 155 13.81 -27.85 14.15
N ALA D 156 14.31 -29.08 13.97
CA ALA D 156 13.45 -30.24 13.76
C ALA D 156 12.61 -30.54 15.01
N ARG D 157 13.26 -30.58 16.17
CA ARG D 157 12.59 -30.87 17.42
C ARG D 157 12.99 -29.80 18.43
N PRO D 158 12.44 -28.57 18.34
CA PRO D 158 12.80 -27.50 19.26
C PRO D 158 12.58 -27.87 20.72
N LYS D 159 13.59 -27.62 21.56
CA LYS D 159 13.46 -27.71 23.00
C LYS D 159 13.58 -26.33 23.63
N PRO D 160 12.50 -25.75 24.22
CA PRO D 160 12.61 -24.60 25.10
C PRO D 160 13.68 -24.89 26.15
N LYS D 161 14.45 -23.86 26.53
CA LYS D 161 15.40 -23.98 27.62
C LYS D 161 15.12 -22.80 28.56
N PRO D 162 13.99 -22.82 29.30
CA PRO D 162 13.60 -21.67 30.09
C PRO D 162 14.52 -21.47 31.29
N GLY D 163 14.70 -20.22 31.71
CA GLY D 163 15.34 -19.96 32.99
C GLY D 163 14.53 -20.61 34.11
N ASP D 164 15.02 -20.46 35.36
CA ASP D 164 14.25 -20.80 36.56
C ASP D 164 13.12 -19.78 36.73
N GLY D 165 11.93 -20.27 37.10
CA GLY D 165 10.77 -19.41 37.27
C GLY D 165 9.95 -19.22 35.98
N GLU D 166 10.54 -19.60 34.83
CA GLU D 166 9.95 -19.38 33.52
C GLU D 166 9.26 -20.67 33.07
N PHE D 167 7.92 -20.66 32.99
CA PHE D 167 7.20 -21.83 32.51
C PHE D 167 6.40 -21.43 31.27
N VAL D 168 6.58 -22.20 30.20
CA VAL D 168 6.26 -21.73 28.86
C VAL D 168 5.71 -22.88 28.03
N GLU D 169 4.59 -22.62 27.36
CA GLU D 169 4.02 -23.53 26.39
C GLU D 169 4.03 -22.83 25.04
N VAL D 170 4.52 -23.53 24.01
CA VAL D 170 4.64 -22.95 22.70
C VAL D 170 3.37 -23.28 21.93
N ILE D 171 2.83 -22.24 21.27
CA ILE D 171 1.71 -22.35 20.37
C ILE D 171 2.10 -21.68 19.06
N SER D 172 1.78 -22.31 17.94
CA SER D 172 2.22 -21.83 16.64
C SER D 172 0.98 -21.72 15.74
N LEU D 173 0.64 -20.49 15.30
CA LEU D 173 -0.61 -20.28 14.56
C LEU D 173 -0.37 -19.77 13.16
N PRO D 174 -1.15 -20.22 12.15
CA PRO D 174 -1.02 -19.67 10.80
C PRO D 174 -1.23 -18.17 10.70
N LYS D 175 -0.27 -17.56 9.99
CA LYS D 175 -0.18 -16.14 9.76
C LYS D 175 -1.46 -15.75 9.04
N ASN D 176 -1.89 -16.63 8.11
CA ASN D 176 -2.99 -16.31 7.20
C ASN D 176 -4.33 -16.56 7.87
N ASP D 177 -4.34 -16.91 9.16
CA ASP D 177 -5.59 -17.06 9.91
C ASP D 177 -5.37 -16.72 11.38
N LEU D 178 -4.46 -15.79 11.69
CA LEU D 178 -4.05 -15.59 13.08
C LEU D 178 -5.24 -15.11 13.91
N LEU D 179 -5.99 -14.13 13.40
CA LEU D 179 -7.07 -13.51 14.18
C LEU D 179 -8.11 -14.56 14.58
N GLN D 180 -8.74 -15.26 13.62
CA GLN D 180 -9.70 -16.32 13.91
C GLN D 180 -9.13 -17.38 14.87
N ARG D 181 -7.89 -17.80 14.68
CA ARG D 181 -7.36 -18.81 15.59
C ARG D 181 -7.22 -18.27 17.01
N LEU D 182 -6.84 -16.97 17.17
CA LEU D 182 -6.70 -16.44 18.53
C LEU D 182 -8.07 -16.33 19.20
N ASP D 183 -9.09 -15.95 18.42
CA ASP D 183 -10.46 -15.81 18.90
C ASP D 183 -10.96 -17.17 19.43
N ALA D 184 -10.69 -18.25 18.69
CA ALA D 184 -11.12 -19.59 19.05
C ALA D 184 -10.48 -20.04 20.35
N LEU D 185 -9.19 -19.68 20.58
CA LEU D 185 -8.46 -20.01 21.80
C LEU D 185 -9.08 -19.34 23.03
N VAL D 186 -9.47 -18.07 22.87
CA VAL D 186 -10.13 -17.29 23.90
C VAL D 186 -11.49 -17.92 24.22
N ALA D 187 -12.17 -18.43 23.19
CA ALA D 187 -13.49 -19.03 23.32
C ALA D 187 -13.39 -20.35 24.08
N GLU D 188 -12.43 -21.21 23.70
CA GLU D 188 -12.31 -22.54 24.27
C GLU D 188 -11.59 -22.55 25.62
N GLU D 189 -10.68 -21.59 25.88
CA GLU D 189 -9.75 -21.73 27.01
C GLU D 189 -9.79 -20.58 27.99
N HIS D 190 -10.45 -19.46 27.65
CA HIS D 190 -10.55 -18.33 28.58
C HIS D 190 -9.12 -18.03 29.08
N LEU D 191 -8.33 -17.49 28.15
CA LEU D 191 -7.01 -16.92 28.38
C LEU D 191 -6.99 -15.61 27.61
N THR D 192 -6.13 -14.66 28.04
CA THR D 192 -6.10 -13.31 27.49
C THR D 192 -5.02 -13.21 26.40
N VAL D 193 -5.40 -12.72 25.21
CA VAL D 193 -4.45 -12.43 24.16
C VAL D 193 -3.85 -11.07 24.51
N ASP D 194 -2.54 -10.92 24.34
CA ASP D 194 -1.84 -9.66 24.44
C ASP D 194 -2.30 -8.70 23.35
N ALA D 195 -2.27 -7.39 23.66
CA ALA D 195 -2.84 -6.36 22.79
C ALA D 195 -1.97 -6.23 21.53
N ARG D 196 -0.68 -6.50 21.65
CA ARG D 196 0.23 -6.35 20.55
C ARG D 196 0.03 -7.53 19.62
N VAL D 197 -0.23 -8.71 20.20
CA VAL D 197 -0.51 -9.88 19.40
C VAL D 197 -1.78 -9.61 18.60
N TYR D 198 -2.82 -9.12 19.29
CA TYR D 198 -4.15 -8.95 18.69
C TYR D 198 -4.08 -7.85 17.65
N SER D 199 -3.39 -6.73 17.96
CA SER D 199 -3.21 -5.72 16.91
C SER D 199 -2.50 -6.23 15.67
N TYR D 200 -1.52 -7.10 15.88
CA TYR D 200 -0.77 -7.61 14.74
C TYR D 200 -1.71 -8.45 13.89
N ALA D 201 -2.53 -9.26 14.58
CA ALA D 201 -3.38 -10.21 13.89
C ALA D 201 -4.48 -9.46 13.11
N LEU D 202 -4.97 -8.36 13.70
CA LEU D 202 -5.98 -7.53 13.05
C LEU D 202 -5.41 -6.97 11.73
N ALA D 203 -4.28 -6.26 11.82
CA ALA D 203 -3.62 -5.77 10.62
C ALA D 203 -3.47 -6.83 9.54
N LEU D 204 -3.04 -8.06 9.90
CA LEU D 204 -2.91 -9.10 8.90
C LEU D 204 -4.23 -9.25 8.15
N LYS D 205 -5.34 -9.36 8.90
CA LYS D 205 -6.65 -9.46 8.28
C LYS D 205 -6.99 -8.20 7.46
N HIS D 206 -6.72 -7.01 8.00
CA HIS D 206 -7.11 -5.81 7.29
C HIS D 206 -6.27 -5.48 6.06
N ALA D 207 -5.07 -6.09 5.90
CA ALA D 207 -4.14 -5.61 4.87
C ALA D 207 -4.74 -5.84 3.49
N ASN D 208 -4.55 -4.84 2.60
CA ASN D 208 -5.16 -4.86 1.28
C ASN D 208 -4.38 -5.77 0.31
MG MG E . -12.78 14.48 -28.87
N1 A1H14 F . -4.27 14.88 -35.79
N3 A1H14 F . -4.34 12.14 -39.09
C4 A1H14 F . 1.90 14.03 -30.29
C5 A1H14 F . 0.86 13.32 -30.87
C6 A1H14 F . 1.18 12.33 -31.78
C7 A1H14 F . -0.79 12.17 -33.21
C8 A1H14 F . -0.74 13.48 -33.63
C10 A1H14 F . -1.80 11.34 -33.61
C13 A1H14 F . -3.85 13.64 -35.77
C15 A1H14 F . -3.86 12.18 -37.89
C17 A1H14 F . -5.81 13.64 -37.13
C20 A1H14 F . -6.15 17.16 -35.68
C21 A1H14 F . -7.23 17.97 -34.97
C22 A1H14 F . -8.54 17.90 -35.73
C24 A1H14 F . -10.78 15.91 -34.49
C1 A1H14 F . 2.48 12.01 -32.06
C2 A1H14 F . 3.50 12.75 -31.47
C3 A1H14 F . 3.21 13.75 -30.58
O1 A1H14 F . 0.18 11.58 -32.38
C9 A1H14 F . -1.75 13.98 -34.45
C11 A1H14 F . -2.80 11.82 -34.43
C12 A1H14 F . -2.77 13.14 -34.87
C14 A1H14 F . -4.61 12.74 -36.71
N2 A1H14 F . -2.68 11.50 -37.62
C16 A1H14 F . -5.33 13.03 -39.37
N4 A1H14 F . -5.91 13.89 -38.57
N5 A1H14 F . -5.55 14.79 -36.27
C18 A1H14 F . -6.62 15.72 -35.78
C19 A1H14 F . -7.91 15.68 -36.61
N6 A1H14 F . -8.95 16.51 -36.01
C23 A1H14 F . -10.23 16.09 -35.86
O2 A1H14 F . -10.90 15.80 -36.86
C25 A1H14 F . -11.85 15.19 -34.28
MG MG G . -11.04 11.70 -28.69
MG MG H . -10.40 10.35 25.75
N1 A1H14 I . -6.51 7.21 35.44
N3 A1H14 I . -3.05 9.35 36.55
C4 A1H14 I . -6.36 -0.95 35.04
C5 A1H14 I . -5.81 0.17 34.45
C6 A1H14 I . -4.47 0.40 34.61
C7 A1H14 I . -4.32 2.80 34.34
C8 A1H14 I . -5.21 3.09 35.35
C10 A1H14 I . -3.75 3.79 33.60
C13 A1H14 I . -5.31 6.84 35.11
C15 A1H14 I . -3.28 8.19 35.99
C17 A1H14 I . -5.35 9.17 34.69
C20 A1H14 I . -8.57 9.96 35.51
C21 A1H14 I . -9.97 10.35 35.08
C22 A1H14 I . -9.97 10.93 33.67
C24 A1H14 I . -7.90 11.39 30.76
C1 A1H14 I . -3.66 -0.51 35.27
C2 A1H14 I . -4.24 -1.63 35.84
C3 A1H14 I . -5.59 -1.85 35.72
O1 A1H14 I . -3.91 1.51 34.01
C9 A1H14 I . -5.55 4.40 35.59
C11 A1H14 I . -4.07 5.11 33.86
C12 A1H14 I . -4.96 5.43 34.87
C14 A1H14 I . -4.34 8.00 34.91
N2 A1H14 I . -2.42 7.12 36.29
C16 A1H14 I . -3.99 10.31 36.36
N4 A1H14 I . -5.09 10.28 35.62
N5 A1H14 I . -6.63 8.47 34.91
C18 A1H14 I . -8.01 8.91 34.55
C19 A1H14 I . -8.13 9.37 33.08
N6 A1H14 I . -8.68 10.73 32.98
C23 A1H14 I . -8.11 11.68 32.21
O2 A1H14 I . -7.84 12.79 32.68
C25 A1H14 I . -7.42 12.28 29.94
C1 EDO J . -11.54 -2.99 8.27
O1 EDO J . -11.16 -3.92 7.30
C2 EDO J . -10.53 -1.95 8.29
O2 EDO J . -9.93 -1.80 7.03
C1 EDO K . -17.25 4.83 1.78
O1 EDO K . -16.79 6.15 1.59
C2 EDO K . -16.85 4.04 0.62
O2 EDO K . -15.50 4.24 0.32
C1 EDO L . -5.17 7.21 30.72
O1 EDO L . -6.30 6.76 31.43
C2 EDO L . -5.51 7.63 29.34
O2 EDO L . -5.49 9.04 29.15
MG MG M . -7.44 9.21 25.38
C1 EDO N . -12.52 -3.34 -8.04
O1 EDO N . -11.40 -3.59 -7.25
C2 EDO N . -13.26 -2.13 -7.61
O2 EDO N . -12.67 -1.49 -6.52
C1 EDO O . -4.54 11.06 -31.18
O1 EDO O . -3.81 12.04 -30.46
C2 EDO O . -5.86 11.57 -31.67
O2 EDO O . -5.81 12.62 -32.63
MG MG P . 14.04 -5.86 -24.46
N1 A1H14 Q . 12.22 -0.70 -34.20
N3 A1H14 Q . 13.79 3.25 -34.81
C4 A1H14 Q . 3.86 0.58 -35.87
C5 A1H14 Q . 4.81 0.95 -34.91
C6 A1H14 Q . 5.16 0.05 -33.94
C7 A1H14 Q . 7.43 0.42 -33.20
C8 A1H14 Q . 7.98 -0.57 -33.98
C10 A1H14 Q . 8.19 1.40 -32.63
C13 A1H14 Q . 11.61 0.40 -33.83
C15 A1H14 Q . 12.67 2.78 -34.35
C17 A1H14 Q . 13.84 0.75 -33.27
C20 A1H14 Q . 14.24 -2.92 -34.14
C21 A1H14 Q . 14.49 -4.32 -33.56
C22 A1H14 Q . 15.04 -4.22 -32.14
C24 A1H14 Q . 17.89 -4.50 -31.54
C1 A1H14 Q . 4.55 -1.18 -33.87
C2 A1H14 Q . 3.63 -1.54 -34.84
C3 A1H14 Q . 3.28 -0.66 -35.82
O1 A1H14 Q . 6.06 0.45 -32.97
C9 A1H14 Q . 9.35 -0.57 -34.18
C11 A1H14 Q . 9.56 1.40 -32.84
C12 A1H14 Q . 10.14 0.43 -33.65
C14 A1H14 Q . 12.52 1.55 -33.46
N2 A1H14 Q . 11.56 3.58 -34.53
C16 A1H14 Q . 14.86 2.48 -34.57
N4 A1H14 Q . 14.92 1.26 -34.09
N5 A1H14 Q . 13.39 -0.63 -33.54
C18 A1H14 Q . 13.96 -1.93 -33.03
C19 A1H14 Q . 15.22 -1.77 -32.14
N6 A1H14 Q . 15.94 -3.05 -32.00
C23 A1H14 Q . 17.28 -3.15 -31.78
O2 A1H14 Q . 18.01 -2.15 -31.79
C25 A1H14 Q . 19.09 -4.80 -31.98
MG MG R . 12.24 -3.37 -24.13
N1 A1H14 S . 10.86 -7.81 37.11
N3 A1H14 S . 7.88 -8.70 39.98
C4 A1H14 S . 9.79 -0.72 32.33
C5 A1H14 S . 9.21 -1.93 32.68
C6 A1H14 S . 8.23 -1.93 33.65
C7 A1H14 S . 8.24 -4.15 34.71
C8 A1H14 S . 7.46 -5.28 34.80
C10 A1H14 S . 9.45 -4.07 35.36
C13 A1H14 S . 9.60 -7.48 36.97
C15 A1H14 S . 7.93 -8.00 38.89
C17 A1H14 S . 9.58 -9.67 37.87
C20 A1H14 S . 13.22 -9.79 37.17
C21 A1H14 S . 14.28 -10.45 36.27
C22 A1H14 S . 13.74 -11.73 35.68
C24 A1H14 S . 14.18 -13.60 38.05
C1 A1H14 S . 7.76 -0.75 34.19
C2 A1H14 S . 8.35 0.45 33.81
C3 A1H14 S . 9.37 0.47 32.89
O1 A1H14 S . 7.63 -3.12 34.00
C9 A1H14 S . 7.91 -6.36 35.55
C11 A1H14 S . 9.91 -5.15 36.08
C12 A1H14 S . 9.15 -6.31 36.18
C14 A1H14 S . 8.65 -8.45 37.63
N2 A1H14 S . 7.21 -6.82 38.83
C16 A1H14 S . 8.81 -9.68 40.09
N4 A1H14 S . 9.79 -9.99 39.28
N5 A1H14 S . 10.79 -9.18 37.22
C18 A1H14 S . 11.82 -10.04 36.58
C19 A1H14 S . 11.49 -11.54 36.61
N6 A1H14 S . 12.72 -12.33 36.56
C23 A1H14 S . 12.91 -13.45 37.27
O2 A1H14 S . 12.01 -14.29 37.37
C25 A1H14 S . 14.24 -14.23 39.20
C1 EDO T . 9.38 -8.82 32.99
O1 EDO T . 10.67 -9.36 33.07
C2 EDO T . 8.51 -9.69 32.18
O2 EDO T . 8.65 -11.07 32.53
C1 EDO U . 9.39 -7.33 28.34
O1 EDO U . 9.69 -7.73 27.02
C2 EDO U . 9.40 -5.85 28.44
O2 EDO U . 9.80 -5.39 29.70
MG MG V . 12.17 -14.42 29.01
MG MG W . 9.74 -13.85 28.48
#